data_8K13
#
_entry.id   8K13
#
_cell.length_a   1.00
_cell.length_b   1.00
_cell.length_c   1.00
_cell.angle_alpha   90.00
_cell.angle_beta   90.00
_cell.angle_gamma   90.00
#
_symmetry.space_group_name_H-M   'P 1'
#
loop_
_entity.id
_entity.type
_entity.pdbx_description
1 polymer 'SID1 transmembrane family member 1'
2 non-polymer 2-acetamido-2-deoxy-beta-D-glucopyranose
#
_entity_poly.entity_id   1
_entity_poly.type   'polypeptide(L)'
_entity_poly.pdbx_seq_one_letter_code
;MKANLLVLLCALAAADASPGHPAKSPRQPPAPRRDPFDAARGADFDHVYSGVVNLSTENIYSFNYTSQPDQVTAVRVYVN
SSSENLNYPVLVVVRQQKEVLSWQVPLLFQGLYQRSYNYQEVSRTLCPSEATNETGPLQQLIFVDVASMAPLGAQYKLLV
TKLKHFQLRTNVAFHFTASPSQPQYFLYKFPKDVDSVIIKVVSEMAYPCSVVSVQNIMCPVYDLDHNVEFNGVYQSMTKK
AAITLQKKDFPGEQFFVVFVIKPEDYACGGSFFIQEKENQTWNLQRKKNLEVTIVPSIKESVYVKSSLFSVFIFLSFYLG
CLLVGFVHYLRFQRKSIDGSFGSNDGSGNMVASHPIAASTPEPDIESDKNIIRTKMFLYLSDLSRKDRRIVSKKYKIYFW
NIITIAVFYALPVIQLVITYQTVVNVTGNQDICYYNFLCAHPLGVLSAFNNILSNLGHVLLGFLFLLIVLRRDILHRRAL
EAKDIFAVEYGIPKHFGLFYAMGIALMMEGVLSACYHVCPNYSNFQFDTSFMYMIAGLCMLKLYQTRHPDINASAYSAYA
SFAVVIMVTVLGVVFGKNDVWFWVIFSAIHVLASLALSTQIYYMGRFKIDLGIFRRAAMVFYTDCIQQCSRPLYMDRMVL
LVVGNLVNWSFALFGLIYRPRDFASYMLGIFICNLLLYLAFYIIMKLRSSEKVLPVPLFCIVATAVMWAAALYFFFQNLS
SWEGTPAESREKNRECILLDFFDDHDIWHFLSATALFFSFLVLLTLDDDLDVVRRDQIPVFDYKDHDGDYKDHDIDYKDD
DDK
;
_entity_poly.pdbx_strand_id   A,B
#
loop_
_chem_comp.id
_chem_comp.type
_chem_comp.name
_chem_comp.formula
NAG D-saccharide, beta linking 2-acetamido-2-deoxy-beta-D-glucopyranose 'C8 H15 N O6'
#
# COMPACT_ATOMS: atom_id res chain seq x y z
N ASP A 44 -11.10 -39.49 -25.98
CA ASP A 44 -12.30 -39.72 -25.17
C ASP A 44 -12.09 -39.26 -23.73
N PHE A 45 -13.03 -38.45 -23.23
CA PHE A 45 -12.93 -37.95 -21.87
C PHE A 45 -13.18 -39.07 -20.87
N ASP A 46 -12.91 -38.77 -19.60
CA ASP A 46 -13.12 -39.70 -18.48
C ASP A 46 -12.31 -40.99 -18.65
N HIS A 47 -11.14 -40.89 -19.27
CA HIS A 47 -10.25 -42.04 -19.44
C HIS A 47 -8.83 -41.61 -19.12
N VAL A 48 -8.05 -42.52 -18.54
CA VAL A 48 -6.68 -42.24 -18.14
C VAL A 48 -5.75 -42.97 -19.09
N TYR A 49 -5.05 -42.21 -19.93
CA TYR A 49 -3.99 -42.77 -20.75
C TYR A 49 -2.69 -42.85 -19.97
N SER A 50 -1.92 -43.90 -20.24
CA SER A 50 -0.61 -44.10 -19.62
C SER A 50 0.44 -44.18 -20.72
N GLY A 51 1.59 -43.55 -20.49
CA GLY A 51 2.61 -43.52 -21.53
C GLY A 51 3.99 -43.27 -20.99
N VAL A 52 4.98 -43.52 -21.84
CA VAL A 52 6.39 -43.31 -21.54
C VAL A 52 6.93 -42.27 -22.51
N VAL A 53 7.77 -41.38 -22.01
CA VAL A 53 8.36 -40.32 -22.83
C VAL A 53 9.87 -40.45 -22.81
N ASN A 54 10.51 -39.98 -23.87
CA ASN A 54 11.96 -39.94 -23.97
C ASN A 54 12.34 -38.92 -25.04
N LEU A 55 13.62 -38.91 -25.42
CA LEU A 55 14.10 -37.89 -26.35
C LEU A 55 13.45 -38.03 -27.72
N SER A 56 13.32 -39.25 -28.23
CA SER A 56 12.92 -39.44 -29.62
C SER A 56 11.41 -39.49 -29.81
N THR A 57 10.66 -39.87 -28.79
CA THR A 57 9.23 -40.09 -28.92
C THR A 57 8.44 -39.05 -28.13
N GLU A 58 7.42 -38.49 -28.78
CA GLU A 58 6.46 -37.60 -28.16
C GLU A 58 5.06 -38.16 -28.43
N ASN A 59 4.11 -37.80 -27.57
CA ASN A 59 2.75 -38.31 -27.67
C ASN A 59 1.78 -37.16 -27.94
N ILE A 60 0.84 -37.40 -28.85
CA ILE A 60 -0.13 -36.41 -29.29
C ILE A 60 -1.52 -37.04 -29.22
N TYR A 61 -2.45 -36.32 -28.57
CA TYR A 61 -3.85 -36.79 -28.45
C TYR A 61 -4.79 -35.63 -28.78
N SER A 62 -5.57 -35.75 -29.86
CA SER A 62 -6.50 -34.71 -30.28
C SER A 62 -7.89 -35.07 -29.77
N PHE A 63 -8.51 -34.15 -29.03
CA PHE A 63 -9.86 -34.32 -28.52
C PHE A 63 -10.79 -33.40 -29.30
N ASN A 64 -12.00 -33.88 -29.56
CA ASN A 64 -13.01 -33.06 -30.22
C ASN A 64 -14.28 -33.11 -29.38
N TYR A 65 -14.91 -31.94 -29.22
CA TYR A 65 -16.15 -31.87 -28.45
C TYR A 65 -16.89 -30.61 -28.87
N THR A 66 -18.17 -30.54 -28.48
CA THR A 66 -19.03 -29.43 -28.83
C THR A 66 -19.66 -28.85 -27.56
N SER A 67 -19.92 -27.54 -27.59
CA SER A 67 -20.56 -26.84 -26.49
C SER A 67 -21.73 -26.06 -27.06
N GLN A 68 -22.95 -26.50 -26.75
CA GLN A 68 -24.14 -25.87 -27.27
C GLN A 68 -24.35 -24.50 -26.63
N PRO A 69 -25.09 -23.61 -27.30
CA PRO A 69 -25.29 -22.26 -26.75
C PRO A 69 -26.00 -22.28 -25.41
N ASP A 70 -25.71 -21.27 -24.60
CA ASP A 70 -26.27 -21.07 -23.27
C ASP A 70 -25.77 -22.12 -22.28
N GLN A 71 -24.87 -22.99 -22.71
CA GLN A 71 -24.20 -23.96 -21.85
C GLN A 71 -22.70 -23.85 -22.03
N VAL A 72 -21.98 -23.69 -20.93
CA VAL A 72 -20.53 -23.58 -20.94
C VAL A 72 -19.92 -24.92 -20.53
N THR A 73 -18.89 -25.34 -21.25
CA THR A 73 -18.24 -26.62 -20.99
C THR A 73 -16.73 -26.38 -20.87
N ALA A 74 -16.23 -26.49 -19.64
CA ALA A 74 -14.82 -26.29 -19.35
C ALA A 74 -14.10 -27.63 -19.31
N VAL A 75 -13.01 -27.74 -20.03
CA VAL A 75 -12.21 -28.96 -20.08
C VAL A 75 -11.25 -28.95 -18.90
N ARG A 76 -10.94 -30.15 -18.40
CA ARG A 76 -10.06 -30.32 -17.26
C ARG A 76 -9.01 -31.35 -17.60
N VAL A 77 -7.75 -30.99 -17.37
CA VAL A 77 -6.60 -31.83 -17.66
C VAL A 77 -5.96 -32.25 -16.34
N TYR A 78 -5.73 -33.55 -16.18
CA TYR A 78 -5.25 -34.17 -14.95
C TYR A 78 -4.02 -34.98 -15.31
N VAL A 79 -2.83 -34.45 -15.07
CA VAL A 79 -1.59 -35.12 -15.45
C VAL A 79 -0.80 -35.49 -14.20
N ASN A 80 -0.02 -36.56 -14.30
CA ASN A 80 0.98 -36.85 -13.29
C ASN A 80 2.13 -37.61 -13.92
N SER A 81 3.31 -37.46 -13.32
CA SER A 81 4.51 -38.16 -13.74
C SER A 81 5.22 -38.72 -12.53
N SER A 82 5.77 -39.92 -12.67
CA SER A 82 6.44 -40.59 -11.56
C SER A 82 7.94 -40.34 -11.52
N SER A 83 8.46 -39.50 -12.42
CA SER A 83 9.89 -39.23 -12.47
C SER A 83 10.29 -38.38 -11.26
N GLU A 84 11.02 -38.97 -10.32
CA GLU A 84 11.52 -38.23 -9.18
C GLU A 84 12.64 -37.26 -9.56
N ASN A 85 13.25 -37.45 -10.71
CA ASN A 85 14.32 -36.57 -11.16
C ASN A 85 13.77 -35.19 -11.52
N LEU A 86 14.60 -34.17 -11.32
CA LEU A 86 14.26 -32.80 -11.69
C LEU A 86 15.07 -32.28 -12.86
N ASN A 87 16.18 -32.94 -13.21
CA ASN A 87 16.98 -32.51 -14.35
C ASN A 87 16.30 -32.79 -15.68
N TYR A 88 15.22 -33.56 -15.70
CA TYR A 88 14.49 -33.88 -16.92
C TYR A 88 13.00 -33.96 -16.61
N PRO A 89 12.34 -32.83 -16.47
CA PRO A 89 10.88 -32.85 -16.31
C PRO A 89 10.18 -33.00 -17.66
N VAL A 90 9.05 -33.70 -17.62
CA VAL A 90 8.25 -33.92 -18.82
C VAL A 90 7.35 -32.72 -19.05
N LEU A 91 7.36 -32.19 -20.27
CA LEU A 91 6.65 -30.96 -20.61
C LEU A 91 5.37 -31.30 -21.35
N VAL A 92 4.25 -30.79 -20.85
CA VAL A 92 2.92 -31.10 -21.37
C VAL A 92 2.27 -29.79 -21.82
N VAL A 93 1.75 -29.78 -23.03
CA VAL A 93 1.11 -28.60 -23.59
C VAL A 93 -0.28 -28.96 -24.08
N VAL A 94 -1.21 -28.02 -23.93
CA VAL A 94 -2.56 -28.14 -24.45
C VAL A 94 -2.84 -26.93 -25.34
N ARG A 95 -3.23 -27.20 -26.58
CA ARG A 95 -3.41 -26.17 -27.60
C ARG A 95 -4.88 -26.11 -27.98
N GLN A 96 -5.45 -24.91 -27.91
CA GLN A 96 -6.82 -24.66 -28.31
C GLN A 96 -6.84 -24.01 -29.69
N GLN A 97 -8.03 -23.56 -30.10
CA GLN A 97 -8.14 -22.81 -31.35
C GLN A 97 -7.43 -21.47 -31.25
N LYS A 98 -7.29 -20.92 -30.06
CA LYS A 98 -6.67 -19.62 -29.88
C LYS A 98 -5.56 -19.60 -28.84
N GLU A 99 -5.68 -20.39 -27.78
CA GLU A 99 -4.76 -20.31 -26.65
C GLU A 99 -3.94 -21.59 -26.50
N VAL A 100 -2.70 -21.43 -26.05
CA VAL A 100 -1.80 -22.52 -25.74
C VAL A 100 -1.38 -22.39 -24.28
N LEU A 101 -1.49 -23.49 -23.53
CA LEU A 101 -1.11 -23.52 -22.12
C LEU A 101 -0.18 -24.70 -21.90
N SER A 102 1.01 -24.43 -21.36
CA SER A 102 2.02 -25.45 -21.18
C SER A 102 2.53 -25.46 -19.75
N TRP A 103 2.98 -26.63 -19.30
CA TRP A 103 3.52 -26.77 -17.96
C TRP A 103 4.55 -27.90 -17.94
N GLN A 104 5.24 -28.01 -16.81
CA GLN A 104 6.27 -29.03 -16.61
C GLN A 104 5.93 -29.87 -15.38
N VAL A 105 6.15 -31.17 -15.48
CA VAL A 105 5.86 -32.11 -14.41
C VAL A 105 7.12 -32.90 -14.11
N PRO A 106 7.52 -33.08 -12.84
CA PRO A 106 6.90 -32.57 -11.60
C PRO A 106 7.03 -31.07 -11.46
N LEU A 107 5.93 -30.38 -11.18
CA LEU A 107 5.96 -28.94 -11.01
C LEU A 107 6.90 -28.55 -9.88
N LEU A 108 7.65 -27.47 -10.07
CA LEU A 108 8.64 -27.02 -9.11
C LEU A 108 8.26 -25.65 -8.56
N PHE A 109 8.34 -25.51 -7.25
CA PHE A 109 8.08 -24.25 -6.58
C PHE A 109 9.31 -23.86 -5.78
N GLN A 110 9.61 -22.55 -5.75
CA GLN A 110 10.79 -22.04 -5.01
C GLN A 110 10.33 -21.06 -3.94
N GLY A 111 9.99 -21.55 -2.75
CA GLY A 111 9.58 -20.70 -1.65
C GLY A 111 10.75 -19.94 -1.07
N LEU A 112 10.46 -19.23 0.03
CA LEU A 112 11.48 -18.44 0.70
C LEU A 112 12.50 -19.36 1.36
N TYR A 113 13.66 -18.78 1.70
CA TYR A 113 14.77 -19.48 2.33
C TYR A 113 15.32 -20.58 1.43
N GLN A 114 15.09 -20.42 0.13
CA GLN A 114 15.58 -21.29 -0.95
C GLN A 114 15.30 -22.77 -0.66
N ARG A 115 14.07 -23.03 -0.20
CA ARG A 115 13.50 -24.37 -0.15
C ARG A 115 12.78 -24.65 -1.46
N SER A 116 13.03 -25.81 -2.04
CA SER A 116 12.34 -26.23 -3.25
C SER A 116 11.26 -27.25 -2.93
N TYR A 117 10.18 -27.20 -3.70
CA TYR A 117 9.08 -28.14 -3.58
C TYR A 117 8.81 -28.78 -4.94
N ASN A 118 8.59 -30.12 -4.88
CA ASN A 118 8.31 -30.90 -6.11
C ASN A 118 6.94 -31.56 -6.02
N TYR A 119 5.98 -31.09 -6.87
CA TYR A 119 4.63 -31.66 -6.88
C TYR A 119 4.51 -32.57 -8.09
N GLN A 120 3.91 -33.74 -7.90
CA GLN A 120 3.81 -34.71 -8.97
C GLN A 120 2.47 -34.70 -9.68
N GLU A 121 1.39 -34.39 -8.99
CA GLU A 121 0.06 -34.33 -9.58
C GLU A 121 -0.22 -32.89 -10.00
N VAL A 122 -0.43 -32.67 -11.29
CA VAL A 122 -0.73 -31.35 -11.81
C VAL A 122 -2.08 -31.41 -12.52
N SER A 123 -2.73 -30.26 -12.61
CA SER A 123 -4.08 -30.18 -13.16
C SER A 123 -4.36 -28.76 -13.58
N ARG A 124 -5.19 -28.61 -14.60
CA ARG A 124 -5.58 -27.27 -15.03
C ARG A 124 -6.89 -27.30 -15.80
N THR A 125 -7.46 -26.12 -15.97
CA THR A 125 -8.72 -25.92 -16.67
C THR A 125 -8.49 -24.99 -17.86
N LEU A 126 -9.07 -25.32 -19.00
CA LEU A 126 -8.83 -24.56 -20.21
C LEU A 126 -9.81 -23.39 -20.34
N CYS A 127 -9.60 -22.58 -21.36
CA CYS A 127 -10.50 -21.47 -21.64
C CYS A 127 -11.87 -22.00 -22.06
N PRO A 128 -12.94 -21.65 -21.35
CA PRO A 128 -14.28 -22.09 -21.74
C PRO A 128 -14.82 -21.26 -22.89
N SER A 129 -14.87 -21.87 -24.08
CA SER A 129 -15.41 -21.17 -25.23
C SER A 129 -16.90 -20.93 -25.05
N GLU A 130 -17.32 -19.69 -25.28
CA GLU A 130 -18.70 -19.27 -25.02
C GLU A 130 -19.47 -19.19 -26.32
N ALA A 131 -20.71 -19.66 -26.30
CA ALA A 131 -21.58 -19.66 -27.47
C ALA A 131 -22.84 -18.85 -27.17
N THR A 132 -23.31 -18.13 -28.17
CA THR A 132 -24.41 -17.17 -28.00
C THR A 132 -25.63 -17.62 -28.79
N ASN A 133 -26.63 -16.74 -28.87
CA ASN A 133 -27.83 -17.03 -29.63
C ASN A 133 -27.55 -17.21 -31.12
N GLU A 134 -26.38 -16.79 -31.59
CA GLU A 134 -25.88 -17.24 -32.88
C GLU A 134 -25.55 -18.71 -32.72
N THR A 135 -26.47 -19.57 -33.14
CA THR A 135 -26.42 -20.98 -32.76
C THR A 135 -25.37 -21.72 -33.59
N GLY A 136 -25.23 -23.01 -33.29
CA GLY A 136 -24.27 -23.84 -33.98
C GLY A 136 -23.55 -24.77 -33.02
N PRO A 137 -23.57 -26.06 -33.32
CA PRO A 137 -22.81 -27.02 -32.50
C PRO A 137 -21.31 -26.90 -32.78
N LEU A 138 -20.65 -25.98 -32.08
CA LEU A 138 -19.25 -25.67 -32.36
C LEU A 138 -18.38 -26.90 -32.12
N GLN A 139 -17.92 -27.52 -33.21
CA GLN A 139 -17.14 -28.75 -33.14
C GLN A 139 -15.67 -28.40 -32.88
N GLN A 140 -15.41 -27.98 -31.64
CA GLN A 140 -14.09 -27.52 -31.26
C GLN A 140 -13.15 -28.69 -31.05
N LEU A 141 -11.86 -28.42 -31.24
CA LEU A 141 -10.80 -29.40 -31.06
C LEU A 141 -9.73 -28.85 -30.15
N ILE A 142 -9.09 -29.74 -29.40
CA ILE A 142 -8.07 -29.39 -28.43
C ILE A 142 -6.97 -30.44 -28.50
N PHE A 143 -5.75 -30.00 -28.77
CA PHE A 143 -4.61 -30.91 -28.87
C PHE A 143 -3.89 -30.99 -27.53
N VAL A 144 -3.42 -32.18 -27.19
CA VAL A 144 -2.60 -32.39 -26.01
C VAL A 144 -1.32 -33.07 -26.45
N ASP A 145 -0.20 -32.36 -26.32
CA ASP A 145 1.09 -32.86 -26.76
C ASP A 145 2.03 -32.93 -25.57
N VAL A 146 2.61 -34.10 -25.35
CA VAL A 146 3.51 -34.35 -24.23
C VAL A 146 4.85 -34.82 -24.78
N ALA A 147 5.93 -34.21 -24.29
CA ALA A 147 7.26 -34.56 -24.77
C ALA A 147 8.28 -34.24 -23.69
N SER A 148 9.48 -34.79 -23.86
CA SER A 148 10.59 -34.54 -22.96
C SER A 148 11.87 -35.01 -23.63
N MET A 149 13.00 -34.80 -22.95
CA MET A 149 14.30 -35.24 -23.43
C MET A 149 15.11 -35.95 -22.37
N ALA A 150 14.45 -36.66 -21.46
CA ALA A 150 15.15 -37.47 -20.48
C ALA A 150 15.93 -38.58 -21.18
N PRO A 151 17.17 -38.87 -20.78
CA PRO A 151 17.95 -39.89 -21.50
C PRO A 151 17.30 -41.26 -21.50
N LEU A 152 16.59 -41.62 -20.44
CA LEU A 152 15.86 -42.88 -20.38
C LEU A 152 14.37 -42.72 -20.59
N GLY A 153 13.78 -41.66 -20.05
CA GLY A 153 12.37 -41.38 -20.23
C GLY A 153 11.70 -41.00 -18.91
N ALA A 154 10.38 -40.91 -18.97
CA ALA A 154 9.58 -40.59 -17.79
C ALA A 154 8.18 -41.13 -18.01
N GLN A 155 7.60 -41.70 -16.96
CA GLN A 155 6.22 -42.15 -17.02
C GLN A 155 5.28 -40.95 -16.93
N TYR A 156 4.08 -41.11 -17.49
CA TYR A 156 3.05 -40.10 -17.28
C TYR A 156 1.67 -40.69 -17.52
N LYS A 157 0.72 -40.28 -16.68
CA LYS A 157 -0.68 -40.62 -16.84
C LYS A 157 -1.48 -39.33 -17.01
N LEU A 158 -2.37 -39.33 -18.01
CA LEU A 158 -3.10 -38.15 -18.42
C LEU A 158 -4.58 -38.47 -18.52
N LEU A 159 -5.42 -37.64 -17.89
CA LEU A 159 -6.86 -37.79 -17.94
C LEU A 159 -7.49 -36.47 -18.33
N VAL A 160 -8.57 -36.54 -19.09
CA VAL A 160 -9.28 -35.35 -19.54
C VAL A 160 -10.76 -35.52 -19.25
N THR A 161 -11.42 -34.44 -18.81
CA THR A 161 -12.83 -34.54 -18.48
C THR A 161 -13.48 -33.17 -18.47
N LYS A 162 -14.71 -33.10 -18.97
CA LYS A 162 -15.48 -31.87 -18.82
C LYS A 162 -15.98 -31.75 -17.39
N LEU A 163 -15.99 -30.52 -16.88
CA LEU A 163 -16.46 -30.27 -15.52
C LEU A 163 -17.99 -30.27 -15.51
N LYS A 164 -18.58 -31.24 -14.81
CA LYS A 164 -20.03 -31.31 -14.73
C LYS A 164 -20.61 -30.12 -13.98
N HIS A 165 -19.92 -29.66 -12.94
CA HIS A 165 -20.36 -28.51 -12.15
C HIS A 165 -19.37 -27.38 -12.40
N PHE A 166 -19.62 -26.61 -13.46
CA PHE A 166 -18.77 -25.49 -13.83
C PHE A 166 -19.44 -24.14 -13.65
N GLN A 167 -20.77 -24.08 -13.70
CA GLN A 167 -21.51 -22.85 -13.52
C GLN A 167 -22.16 -22.88 -12.14
N LEU A 168 -21.69 -22.01 -11.25
CA LEU A 168 -22.21 -21.98 -9.89
C LEU A 168 -23.65 -21.47 -9.88
N ARG A 169 -24.47 -22.06 -9.02
CA ARG A 169 -25.87 -21.67 -8.87
C ARG A 169 -26.05 -20.86 -7.59
N THR A 170 -27.02 -19.95 -7.63
CA THR A 170 -27.24 -19.05 -6.50
C THR A 170 -27.73 -19.80 -5.28
N ASN A 171 -27.16 -19.47 -4.12
CA ASN A 171 -27.53 -20.00 -2.82
C ASN A 171 -27.35 -21.52 -2.71
N VAL A 172 -26.66 -22.13 -3.66
CA VAL A 172 -26.42 -23.57 -3.65
C VAL A 172 -24.96 -23.82 -3.30
N ALA A 173 -24.73 -24.46 -2.16
CA ALA A 173 -23.37 -24.72 -1.70
C ALA A 173 -22.73 -25.82 -2.54
N PHE A 174 -21.48 -25.60 -2.94
CA PHE A 174 -20.72 -26.57 -3.72
C PHE A 174 -19.45 -26.94 -2.97
N HIS A 175 -19.07 -28.22 -3.06
CA HIS A 175 -17.89 -28.74 -2.39
C HIS A 175 -16.88 -29.20 -3.43
N PHE A 176 -15.60 -28.85 -3.20
CA PHE A 176 -14.54 -29.21 -4.14
C PHE A 176 -13.20 -29.19 -3.42
N THR A 177 -12.26 -29.95 -3.94
CA THR A 177 -10.92 -30.08 -3.36
C THR A 177 -9.91 -29.41 -4.27
N ALA A 178 -9.12 -28.50 -3.70
CA ALA A 178 -8.11 -27.77 -4.45
C ALA A 178 -6.72 -28.11 -3.93
N SER A 179 -5.74 -28.05 -4.83
CA SER A 179 -4.35 -28.36 -4.52
C SER A 179 -3.45 -27.28 -5.09
N PRO A 180 -2.28 -27.06 -4.49
CA PRO A 180 -1.36 -26.04 -5.04
C PRO A 180 -0.98 -26.25 -6.49
N SER A 181 -0.83 -27.50 -6.92
CA SER A 181 -0.58 -27.80 -8.32
C SER A 181 -1.86 -28.09 -9.10
N GLN A 182 -3.01 -28.01 -8.44
CA GLN A 182 -4.31 -28.27 -9.07
C GLN A 182 -5.25 -27.11 -8.77
N PRO A 183 -5.05 -25.96 -9.40
CA PRO A 183 -5.96 -24.83 -9.20
C PRO A 183 -7.31 -25.08 -9.87
N GLN A 184 -8.31 -24.33 -9.44
CA GLN A 184 -9.66 -24.50 -9.95
C GLN A 184 -10.26 -23.14 -10.27
N TYR A 185 -11.28 -23.13 -11.13
CA TYR A 185 -12.09 -21.93 -11.29
C TYR A 185 -13.43 -22.30 -11.93
N PHE A 186 -14.44 -21.51 -11.62
CA PHE A 186 -15.80 -21.74 -12.09
C PHE A 186 -16.43 -20.43 -12.53
N LEU A 187 -17.42 -20.52 -13.40
CA LEU A 187 -18.09 -19.35 -13.96
C LEU A 187 -19.41 -19.12 -13.23
N TYR A 188 -19.66 -17.87 -12.84
CA TYR A 188 -20.95 -17.47 -12.30
C TYR A 188 -21.59 -16.46 -13.25
N LYS A 189 -22.88 -16.63 -13.49
CA LYS A 189 -23.65 -15.75 -14.35
C LYS A 189 -24.72 -15.05 -13.52
N PHE A 190 -24.80 -13.73 -13.64
CA PHE A 190 -25.73 -12.96 -12.84
C PHE A 190 -27.16 -13.23 -13.27
N PRO A 191 -28.11 -13.17 -12.34
CA PRO A 191 -29.53 -13.27 -12.70
C PRO A 191 -30.07 -11.92 -13.12
N LYS A 192 -31.29 -11.94 -13.67
CA LYS A 192 -31.91 -10.72 -14.17
C LYS A 192 -32.27 -9.78 -13.02
N ASP A 193 -32.93 -10.30 -11.99
CA ASP A 193 -33.39 -9.46 -10.89
C ASP A 193 -32.22 -9.02 -10.01
N VAL A 194 -31.34 -9.96 -9.67
CA VAL A 194 -30.26 -9.67 -8.74
C VAL A 194 -29.25 -8.74 -9.41
N ASP A 195 -28.75 -7.77 -8.63
CA ASP A 195 -27.77 -6.81 -9.13
C ASP A 195 -26.44 -6.84 -8.38
N SER A 196 -26.34 -7.63 -7.30
CA SER A 196 -25.10 -7.75 -6.57
C SER A 196 -25.11 -9.07 -5.82
N VAL A 197 -23.92 -9.64 -5.61
CA VAL A 197 -23.79 -10.94 -4.95
C VAL A 197 -22.66 -10.88 -3.93
N ILE A 198 -22.68 -11.87 -3.03
CA ILE A 198 -21.59 -12.09 -2.08
C ILE A 198 -21.18 -13.55 -2.21
N ILE A 199 -19.92 -13.79 -2.53
CA ILE A 199 -19.39 -15.14 -2.66
C ILE A 199 -18.64 -15.49 -1.38
N LYS A 200 -19.00 -16.61 -0.77
CA LYS A 200 -18.51 -17.02 0.54
C LYS A 200 -17.83 -18.37 0.41
N VAL A 201 -16.60 -18.45 0.89
CA VAL A 201 -15.79 -19.66 0.83
C VAL A 201 -15.41 -20.07 2.24
N VAL A 202 -15.58 -21.35 2.56
CA VAL A 202 -15.30 -21.89 3.88
C VAL A 202 -14.46 -23.15 3.73
N SER A 203 -13.44 -23.28 4.57
CA SER A 203 -12.62 -24.48 4.65
C SER A 203 -12.54 -24.94 6.10
N GLU A 204 -12.13 -26.19 6.29
CA GLU A 204 -12.06 -26.77 7.62
C GLU A 204 -10.69 -26.60 8.25
N MET A 205 -9.65 -27.12 7.60
CA MET A 205 -8.29 -27.02 8.10
C MET A 205 -7.67 -25.71 7.63
N ALA A 206 -7.10 -24.94 8.56
CA ALA A 206 -6.60 -23.61 8.23
C ALA A 206 -5.49 -23.67 7.19
N TYR A 207 -4.58 -24.59 7.35
CA TYR A 207 -3.55 -24.65 6.33
C TYR A 207 -3.87 -25.72 5.31
N PRO A 208 -3.42 -25.57 4.05
CA PRO A 208 -2.55 -24.54 3.49
C PRO A 208 -3.21 -23.20 3.21
N CYS A 209 -2.39 -22.19 2.93
CA CYS A 209 -2.88 -20.88 2.52
C CYS A 209 -3.49 -20.96 1.12
N SER A 210 -4.53 -20.17 0.89
CA SER A 210 -5.24 -20.18 -0.38
C SER A 210 -5.57 -18.75 -0.79
N VAL A 211 -5.88 -18.58 -2.07
CA VAL A 211 -6.24 -17.29 -2.64
C VAL A 211 -7.49 -17.48 -3.49
N VAL A 212 -8.47 -16.60 -3.28
CA VAL A 212 -9.73 -16.60 -4.02
C VAL A 212 -9.81 -15.31 -4.80
N SER A 213 -10.00 -15.41 -6.12
CA SER A 213 -9.99 -14.26 -7.00
C SER A 213 -11.25 -14.26 -7.86
N VAL A 214 -11.64 -13.07 -8.30
CA VAL A 214 -12.75 -12.87 -9.22
C VAL A 214 -12.27 -12.01 -10.37
N GLN A 215 -12.48 -12.49 -11.59
CA GLN A 215 -12.04 -11.80 -12.80
C GLN A 215 -13.18 -11.76 -13.81
N ASN A 216 -13.02 -10.87 -14.79
CA ASN A 216 -14.01 -10.80 -15.88
C ASN A 216 -13.71 -11.93 -16.87
N ILE A 217 -14.62 -12.20 -17.78
CA ILE A 217 -14.46 -13.26 -18.79
C ILE A 217 -13.65 -12.65 -19.94
N MET A 218 -12.34 -12.76 -19.84
CA MET A 218 -11.45 -12.50 -20.97
C MET A 218 -10.23 -13.41 -20.78
N CYS A 219 -10.29 -14.60 -21.37
CA CYS A 219 -9.23 -15.57 -21.16
C CYS A 219 -8.02 -15.19 -22.02
N PRO A 220 -6.80 -15.58 -21.61
CA PRO A 220 -6.46 -16.60 -20.61
C PRO A 220 -6.80 -16.23 -19.17
N VAL A 221 -7.15 -17.24 -18.38
CA VAL A 221 -7.58 -17.06 -17.00
C VAL A 221 -6.37 -17.17 -16.09
N TYR A 222 -6.22 -16.20 -15.21
CA TYR A 222 -5.05 -16.11 -14.33
C TYR A 222 -5.27 -17.00 -13.12
N ASP A 223 -4.72 -18.22 -13.18
CA ASP A 223 -4.86 -19.22 -12.14
C ASP A 223 -3.52 -19.75 -11.68
N LEU A 224 -2.53 -18.87 -11.53
CA LEU A 224 -1.22 -19.25 -11.03
C LEU A 224 -0.84 -18.37 -9.85
N ASP A 225 0.06 -18.88 -9.02
CA ASP A 225 0.41 -18.17 -7.79
C ASP A 225 1.05 -16.82 -8.08
N HIS A 226 1.88 -16.76 -9.11
CA HIS A 226 2.59 -15.53 -9.47
C HIS A 226 1.77 -14.61 -10.36
N ASN A 227 0.59 -15.05 -10.82
CA ASN A 227 -0.12 -14.22 -11.83
C ASN A 227 -1.55 -13.92 -11.38
N VAL A 228 -2.12 -14.75 -10.51
CA VAL A 228 -3.51 -14.53 -10.10
C VAL A 228 -3.72 -13.15 -9.49
N GLU A 229 -2.66 -12.55 -8.94
CA GLU A 229 -2.79 -11.27 -8.25
C GLU A 229 -2.83 -10.08 -9.20
N PHE A 230 -2.58 -10.31 -10.49
CA PHE A 230 -2.45 -9.19 -11.43
C PHE A 230 -3.79 -8.50 -11.68
N ASN A 231 -4.82 -9.28 -11.97
CA ASN A 231 -6.06 -8.73 -12.51
C ASN A 231 -7.25 -9.06 -11.61
N GLY A 232 -8.23 -8.17 -11.63
CA GLY A 232 -9.46 -8.40 -10.91
C GLY A 232 -9.31 -8.26 -9.41
N VAL A 233 -10.28 -8.82 -8.70
CA VAL A 233 -10.32 -8.79 -7.24
C VAL A 233 -9.74 -10.09 -6.73
N TYR A 234 -9.17 -10.06 -5.53
CA TYR A 234 -8.70 -11.30 -4.91
C TYR A 234 -8.42 -11.05 -3.43
N GLN A 235 -8.40 -12.15 -2.68
CA GLN A 235 -8.02 -12.10 -1.28
C GLN A 235 -7.48 -13.46 -0.84
N SER A 236 -6.50 -13.41 0.06
CA SER A 236 -5.95 -14.62 0.66
C SER A 236 -6.81 -15.06 1.83
N MET A 237 -6.69 -16.34 2.19
CA MET A 237 -7.54 -16.91 3.23
C MET A 237 -6.98 -18.25 3.67
N THR A 238 -7.33 -18.63 4.90
CA THR A 238 -7.09 -19.97 5.44
C THR A 238 -8.39 -20.73 5.68
N LYS A 239 -9.34 -20.12 6.36
CA LYS A 239 -10.59 -20.77 6.74
C LYS A 239 -11.82 -20.13 6.13
N LYS A 240 -11.88 -18.81 6.04
CA LYS A 240 -13.06 -18.12 5.57
C LYS A 240 -12.67 -17.00 4.60
N ALA A 241 -13.56 -16.74 3.65
CA ALA A 241 -13.39 -15.59 2.75
C ALA A 241 -14.75 -15.20 2.21
N ALA A 242 -14.85 -13.93 1.80
CA ALA A 242 -16.12 -13.40 1.29
C ALA A 242 -15.82 -12.18 0.43
N ILE A 243 -16.30 -12.20 -0.82
CA ILE A 243 -16.10 -11.09 -1.75
C ILE A 243 -17.47 -10.57 -2.17
N THR A 244 -17.64 -9.25 -2.09
CA THR A 244 -18.86 -8.58 -2.52
C THR A 244 -18.67 -8.02 -3.92
N LEU A 245 -19.59 -8.34 -4.83
CA LEU A 245 -19.48 -7.93 -6.22
C LEU A 245 -20.76 -7.27 -6.68
N GLN A 246 -20.61 -6.27 -7.54
CA GLN A 246 -21.72 -5.54 -8.14
C GLN A 246 -21.78 -5.85 -9.63
N LYS A 247 -23.01 -5.98 -10.16
CA LYS A 247 -23.17 -6.28 -11.58
C LYS A 247 -22.77 -5.12 -12.47
N LYS A 248 -22.76 -3.90 -11.95
CA LYS A 248 -22.44 -2.74 -12.78
C LYS A 248 -20.99 -2.73 -13.24
N ASP A 249 -20.11 -3.48 -12.58
CA ASP A 249 -18.69 -3.48 -12.91
C ASP A 249 -18.31 -4.58 -13.89
N PHE A 250 -19.26 -5.41 -14.30
CA PHE A 250 -18.98 -6.49 -15.25
C PHE A 250 -19.84 -6.33 -16.49
N PRO A 251 -19.29 -5.87 -17.61
CA PRO A 251 -20.11 -5.68 -18.81
C PRO A 251 -20.75 -6.96 -19.32
N GLY A 252 -20.09 -8.11 -19.17
CA GLY A 252 -20.63 -9.37 -19.63
C GLY A 252 -21.61 -10.03 -18.70
N GLU A 253 -21.90 -9.42 -17.56
CA GLU A 253 -22.82 -9.95 -16.53
C GLU A 253 -22.49 -11.40 -16.16
N GLN A 254 -21.22 -11.77 -16.26
CA GLN A 254 -20.76 -13.09 -15.84
C GLN A 254 -19.26 -13.01 -15.56
N PHE A 255 -18.83 -13.68 -14.50
CA PHE A 255 -17.44 -13.56 -14.06
C PHE A 255 -16.90 -14.91 -13.61
N PHE A 256 -15.57 -15.03 -13.67
CA PHE A 256 -14.88 -16.23 -13.24
C PHE A 256 -14.40 -16.08 -11.81
N VAL A 257 -14.47 -17.17 -11.05
CA VAL A 257 -13.99 -17.24 -9.68
C VAL A 257 -12.92 -18.32 -9.62
N VAL A 258 -11.72 -17.94 -9.19
CA VAL A 258 -10.52 -18.78 -9.27
C VAL A 258 -10.01 -19.05 -7.87
N PHE A 259 -9.81 -20.33 -7.56
CA PHE A 259 -9.21 -20.78 -6.30
C PHE A 259 -7.82 -21.32 -6.59
N VAL A 260 -6.81 -20.76 -5.94
CA VAL A 260 -5.42 -21.16 -6.14
C VAL A 260 -4.77 -21.37 -4.77
N ILE A 261 -4.18 -22.53 -4.57
CA ILE A 261 -3.55 -22.86 -3.30
C ILE A 261 -2.07 -22.53 -3.35
N LYS A 262 -1.60 -21.82 -2.33
CA LYS A 262 -0.20 -21.42 -2.27
C LYS A 262 0.69 -22.64 -1.99
N PRO A 263 1.97 -22.56 -2.37
CA PRO A 263 2.89 -23.66 -2.02
C PRO A 263 3.26 -23.67 -0.55
N GLU A 264 3.56 -22.51 0.01
CA GLU A 264 3.87 -22.37 1.43
C GLU A 264 2.72 -21.68 2.14
N ASP A 265 2.91 -21.41 3.43
CA ASP A 265 1.88 -20.76 4.24
C ASP A 265 2.40 -19.49 4.92
N TYR A 266 3.52 -18.94 4.44
CA TYR A 266 4.06 -17.72 5.05
C TYR A 266 3.09 -16.54 4.87
N ALA A 267 2.51 -16.41 3.67
CA ALA A 267 1.59 -15.31 3.42
C ALA A 267 0.35 -15.36 4.30
N CYS A 268 0.01 -16.55 4.82
CA CYS A 268 -1.11 -16.72 5.73
C CYS A 268 -0.67 -16.84 7.19
N GLY A 269 0.58 -16.49 7.49
CA GLY A 269 1.06 -16.54 8.86
C GLY A 269 1.45 -17.92 9.34
N GLY A 270 1.63 -18.88 8.43
CA GLY A 270 1.98 -20.23 8.81
C GLY A 270 3.44 -20.38 9.15
N SER A 271 3.77 -21.58 9.61
CA SER A 271 5.14 -21.91 10.02
C SER A 271 5.87 -22.59 8.87
N PHE A 272 7.07 -23.08 9.14
CA PHE A 272 7.89 -23.75 8.14
C PHE A 272 8.70 -24.84 8.83
N PHE A 273 8.50 -26.09 8.39
CA PHE A 273 9.26 -27.22 8.92
C PHE A 273 10.67 -27.16 8.38
N ILE A 274 11.63 -26.82 9.24
CA ILE A 274 13.03 -26.73 8.83
C ILE A 274 13.53 -28.14 8.53
N GLN A 275 13.88 -28.39 7.27
CA GLN A 275 14.35 -29.70 6.83
C GLN A 275 15.69 -29.55 6.13
N GLU A 276 16.61 -30.47 6.41
CA GLU A 276 17.93 -30.44 5.80
C GLU A 276 17.88 -30.76 4.30
N LYS A 277 16.79 -31.34 3.83
CA LYS A 277 16.64 -31.68 2.41
C LYS A 277 16.07 -30.48 1.67
N GLU A 278 16.80 -30.02 0.64
CA GLU A 278 16.30 -28.91 -0.16
C GLU A 278 15.02 -29.29 -0.90
N ASN A 279 14.96 -30.49 -1.46
CA ASN A 279 13.79 -30.97 -2.17
C ASN A 279 12.84 -31.59 -1.14
N GLN A 280 11.83 -30.83 -0.74
CA GLN A 280 10.88 -31.28 0.28
C GLN A 280 9.90 -32.26 -0.36
N THR A 281 10.30 -33.54 -0.39
CA THR A 281 9.44 -34.57 -0.97
C THR A 281 8.20 -34.83 -0.12
N TRP A 282 8.23 -34.47 1.16
CA TRP A 282 7.05 -34.66 2.00
C TRP A 282 5.90 -33.76 1.57
N ASN A 283 6.21 -32.56 1.08
CA ASN A 283 5.19 -31.62 0.61
C ASN A 283 4.84 -31.92 -0.85
N LEU A 284 4.15 -33.04 -1.03
CA LEU A 284 3.81 -33.53 -2.36
C LEU A 284 2.33 -33.83 -2.54
N GLN A 285 1.53 -33.88 -1.47
CA GLN A 285 0.11 -34.21 -1.56
C GLN A 285 -0.75 -33.16 -0.88
N ARG A 286 -0.32 -31.91 -0.91
CA ARG A 286 -1.08 -30.83 -0.29
C ARG A 286 -2.47 -30.73 -0.92
N LYS A 287 -3.49 -30.69 -0.07
CA LYS A 287 -4.87 -30.60 -0.52
C LYS A 287 -5.65 -29.74 0.45
N LYS A 288 -6.81 -29.28 0.00
CA LYS A 288 -7.68 -28.44 0.82
C LYS A 288 -9.12 -28.61 0.35
N ASN A 289 -9.98 -29.12 1.22
CA ASN A 289 -11.40 -29.16 0.93
C ASN A 289 -12.00 -27.77 1.09
N LEU A 290 -12.98 -27.47 0.25
CA LEU A 290 -13.53 -26.12 0.18
C LEU A 290 -15.01 -26.18 -0.14
N GLU A 291 -15.75 -25.24 0.44
CA GLU A 291 -17.17 -25.05 0.15
C GLU A 291 -17.39 -23.62 -0.30
N VAL A 292 -18.09 -23.45 -1.41
CA VAL A 292 -18.32 -22.15 -2.02
C VAL A 292 -19.82 -21.96 -2.19
N THR A 293 -20.32 -20.79 -1.79
CA THR A 293 -21.73 -20.46 -1.88
C THR A 293 -21.89 -19.01 -2.28
N ILE A 294 -22.76 -18.75 -3.25
CA ILE A 294 -23.00 -17.40 -3.74
C ILE A 294 -24.39 -16.98 -3.26
N VAL A 295 -24.44 -15.99 -2.38
CA VAL A 295 -25.70 -15.50 -1.84
C VAL A 295 -26.06 -14.20 -2.53
N PRO A 296 -27.35 -13.92 -2.76
CA PRO A 296 -27.73 -12.65 -3.36
C PRO A 296 -27.62 -11.52 -2.36
N SER A 297 -26.91 -10.46 -2.74
CA SER A 297 -26.74 -9.33 -1.85
C SER A 297 -28.07 -8.66 -1.56
N ILE A 298 -28.19 -8.06 -0.38
CA ILE A 298 -29.45 -7.49 0.06
C ILE A 298 -29.83 -6.29 -0.80
N LYS A 299 -31.13 -6.02 -0.88
CA LYS A 299 -31.64 -4.91 -1.65
C LYS A 299 -31.57 -3.62 -0.83
N GLU A 300 -31.89 -2.49 -1.48
CA GLU A 300 -31.83 -1.21 -0.80
C GLU A 300 -32.92 -1.05 0.25
N SER A 301 -33.94 -1.90 0.24
CA SER A 301 -35.01 -1.81 1.22
C SER A 301 -34.48 -1.98 2.64
N VAL A 302 -33.65 -3.01 2.84
CA VAL A 302 -33.09 -3.22 4.18
C VAL A 302 -32.08 -2.13 4.51
N TYR A 303 -31.37 -1.59 3.50
CA TYR A 303 -30.50 -0.45 3.75
C TYR A 303 -31.28 0.69 4.39
N VAL A 304 -32.38 1.08 3.75
CA VAL A 304 -33.16 2.20 4.26
C VAL A 304 -33.84 1.83 5.58
N LYS A 305 -34.22 0.56 5.75
CA LYS A 305 -34.85 0.15 7.00
C LYS A 305 -33.89 0.28 8.16
N SER A 306 -32.65 -0.20 8.00
CA SER A 306 -31.67 -0.12 9.07
C SER A 306 -31.28 1.33 9.36
N SER A 307 -31.06 2.12 8.30
CA SER A 307 -30.71 3.52 8.51
C SER A 307 -31.83 4.26 9.23
N LEU A 308 -33.09 4.03 8.81
CA LEU A 308 -34.22 4.65 9.47
C LEU A 308 -34.34 4.17 10.91
N PHE A 309 -34.08 2.89 11.16
CA PHE A 309 -34.13 2.38 12.52
C PHE A 309 -33.15 3.14 13.42
N SER A 310 -31.89 3.24 13.00
CA SER A 310 -30.91 3.93 13.83
C SER A 310 -31.29 5.39 14.04
N VAL A 311 -31.55 6.11 12.93
CA VAL A 311 -31.84 7.53 13.03
C VAL A 311 -33.08 7.77 13.89
N PHE A 312 -34.10 6.92 13.74
CA PHE A 312 -35.36 7.12 14.44
C PHE A 312 -35.28 6.73 15.91
N ILE A 313 -34.50 5.72 16.28
CA ILE A 313 -34.34 5.44 17.71
C ILE A 313 -33.57 6.57 18.39
N PHE A 314 -32.56 7.14 17.72
CA PHE A 314 -31.88 8.25 18.37
C PHE A 314 -32.74 9.53 18.37
N LEU A 315 -33.55 9.72 17.32
CA LEU A 315 -34.53 10.81 17.36
C LEU A 315 -35.58 10.57 18.44
N SER A 316 -35.88 9.31 18.75
CA SER A 316 -36.77 8.99 19.86
C SER A 316 -36.13 9.31 21.19
N PHE A 317 -34.80 9.17 21.28
CA PHE A 317 -34.10 9.59 22.52
C PHE A 317 -34.25 11.12 22.60
N TYR A 318 -34.06 11.81 21.48
CA TYR A 318 -34.27 13.26 21.46
C TYR A 318 -35.68 13.63 21.91
N LEU A 319 -36.67 12.92 21.39
CA LEU A 319 -38.06 13.20 21.73
C LEU A 319 -38.35 12.94 23.20
N GLY A 320 -37.76 11.87 23.75
CA GLY A 320 -37.93 11.62 25.17
C GLY A 320 -37.32 12.71 26.02
N CYS A 321 -36.13 13.18 25.64
CA CYS A 321 -35.52 14.30 26.37
C CYS A 321 -36.39 15.55 26.29
N LEU A 322 -36.94 15.84 25.10
CA LEU A 322 -37.80 17.01 24.95
C LEU A 322 -39.09 16.85 25.76
N LEU A 323 -39.64 15.64 25.81
CA LEU A 323 -40.83 15.40 26.61
C LEU A 323 -40.55 15.60 28.09
N VAL A 324 -39.40 15.13 28.56
CA VAL A 324 -39.02 15.36 29.96
C VAL A 324 -38.89 16.85 30.23
N GLY A 325 -38.26 17.58 29.30
CA GLY A 325 -38.14 19.02 29.47
C GLY A 325 -39.49 19.73 29.53
N PHE A 326 -40.40 19.33 28.64
CA PHE A 326 -41.73 19.96 28.62
C PHE A 326 -42.53 19.61 29.87
N VAL A 327 -42.38 18.38 30.38
CA VAL A 327 -43.03 18.01 31.63
C VAL A 327 -42.48 18.86 32.77
N HIS A 328 -41.17 19.05 32.81
CA HIS A 328 -40.57 19.92 33.80
C HIS A 328 -41.02 21.36 33.65
N TYR A 329 -41.39 21.76 32.42
CA TYR A 329 -41.89 23.11 32.20
C TYR A 329 -43.18 23.36 32.98
N LEU A 330 -44.09 22.39 32.99
CA LEU A 330 -45.34 22.52 33.72
C LEU A 330 -45.11 22.51 35.23
N TYR A 395 -14.93 30.70 29.20
CA TYR A 395 -14.37 29.37 29.08
C TYR A 395 -14.17 28.99 27.61
N LYS A 396 -14.28 29.99 26.73
CA LYS A 396 -14.15 29.74 25.30
C LYS A 396 -12.74 29.36 24.87
N ILE A 397 -11.73 29.56 25.72
CA ILE A 397 -10.37 29.20 25.37
C ILE A 397 -10.27 27.70 25.15
N TYR A 398 -10.83 26.91 26.06
CA TYR A 398 -10.81 25.45 25.92
C TYR A 398 -11.54 25.03 24.65
N PHE A 399 -12.70 25.63 24.39
CA PHE A 399 -13.48 25.27 23.21
C PHE A 399 -12.69 25.55 21.93
N TRP A 400 -12.10 26.75 21.83
CA TRP A 400 -11.36 27.11 20.63
C TRP A 400 -10.15 26.22 20.44
N ASN A 401 -9.39 26.00 21.52
CA ASN A 401 -8.20 25.16 21.40
C ASN A 401 -8.57 23.74 21.00
N ILE A 402 -9.62 23.19 21.61
CA ILE A 402 -9.99 21.80 21.33
C ILE A 402 -10.53 21.67 19.91
N ILE A 403 -11.27 22.67 19.43
CA ILE A 403 -11.81 22.56 18.07
C ILE A 403 -10.69 22.69 17.04
N THR A 404 -9.74 23.60 17.28
CA THR A 404 -8.60 23.73 16.37
C THR A 404 -7.79 22.44 16.34
N ILE A 405 -7.49 21.88 17.52
CA ILE A 405 -6.72 20.64 17.59
C ILE A 405 -7.46 19.52 16.88
N ALA A 406 -8.77 19.40 17.14
CA ALA A 406 -9.55 18.31 16.56
C ALA A 406 -9.55 18.40 15.03
N VAL A 407 -9.83 19.59 14.49
CA VAL A 407 -9.90 19.71 13.03
C VAL A 407 -8.53 19.47 12.41
N PHE A 408 -7.49 20.09 12.97
CA PHE A 408 -6.17 20.02 12.35
C PHE A 408 -5.58 18.62 12.46
N TYR A 409 -5.93 17.87 13.51
CA TYR A 409 -5.50 16.48 13.59
C TYR A 409 -6.36 15.57 12.72
N ALA A 410 -7.65 15.88 12.56
CA ALA A 410 -8.53 15.00 11.83
C ALA A 410 -8.23 15.03 10.33
N LEU A 411 -8.04 16.22 9.77
CA LEU A 411 -7.90 16.34 8.32
C LEU A 411 -6.84 15.42 7.72
N PRO A 412 -5.60 15.35 8.23
CA PRO A 412 -4.62 14.43 7.61
C PRO A 412 -5.03 12.97 7.67
N VAL A 413 -5.65 12.53 8.77
CA VAL A 413 -6.03 11.12 8.84
C VAL A 413 -7.18 10.81 7.89
N ILE A 414 -8.10 11.77 7.70
CA ILE A 414 -9.14 11.58 6.69
C ILE A 414 -8.52 11.48 5.30
N GLN A 415 -7.53 12.33 5.01
CA GLN A 415 -6.86 12.25 3.72
C GLN A 415 -6.18 10.90 3.52
N LEU A 416 -5.46 10.43 4.54
CA LEU A 416 -4.79 9.13 4.45
C LEU A 416 -5.79 8.01 4.25
N VAL A 417 -6.90 8.03 4.99
CA VAL A 417 -7.87 6.95 4.91
C VAL A 417 -8.59 6.96 3.57
N ILE A 418 -8.91 8.14 3.04
CA ILE A 418 -9.55 8.19 1.73
C ILE A 418 -8.58 7.75 0.64
N THR A 419 -7.28 8.05 0.79
CA THR A 419 -6.29 7.53 -0.15
C THR A 419 -6.24 6.02 -0.08
N TYR A 420 -6.26 5.46 1.12
CA TYR A 420 -6.28 3.98 1.26
C TYR A 420 -7.52 3.43 0.55
N GLN A 421 -8.68 4.03 0.83
CA GLN A 421 -9.91 3.54 0.21
C GLN A 421 -9.81 3.57 -1.31
N THR A 422 -9.27 4.66 -1.87
CA THR A 422 -9.14 4.76 -3.32
C THR A 422 -8.20 3.69 -3.86
N VAL A 423 -7.06 3.48 -3.21
CA VAL A 423 -6.10 2.52 -3.73
C VAL A 423 -6.63 1.09 -3.60
N VAL A 424 -7.34 0.78 -2.51
CA VAL A 424 -7.91 -0.56 -2.39
C VAL A 424 -9.06 -0.75 -3.37
N ASN A 425 -9.75 0.34 -3.72
CA ASN A 425 -10.85 0.23 -4.69
C ASN A 425 -10.32 0.01 -6.10
N VAL A 426 -9.20 0.65 -6.44
CA VAL A 426 -8.69 0.57 -7.81
C VAL A 426 -7.79 -0.66 -8.02
N THR A 427 -6.99 -1.03 -7.01
CA THR A 427 -6.04 -2.11 -7.21
C THR A 427 -6.71 -3.47 -7.15
N GLY A 428 -7.71 -3.64 -6.29
CA GLY A 428 -8.32 -4.93 -6.05
C GLY A 428 -7.68 -5.74 -4.95
N ASN A 429 -6.64 -5.23 -4.31
CA ASN A 429 -5.99 -5.93 -3.20
C ASN A 429 -6.86 -5.85 -1.95
N GLN A 430 -7.69 -6.86 -1.73
CA GLN A 430 -8.68 -6.80 -0.66
C GLN A 430 -8.12 -7.20 0.70
N ASP A 431 -6.85 -7.58 0.78
CA ASP A 431 -6.22 -7.87 2.06
C ASP A 431 -5.60 -6.63 2.69
N ILE A 432 -5.75 -5.47 2.07
CA ILE A 432 -5.24 -4.24 2.66
C ILE A 432 -6.04 -3.85 3.90
N CYS A 433 -7.36 -3.91 3.81
CA CYS A 433 -8.24 -3.49 4.89
C CYS A 433 -8.79 -4.70 5.64
N TYR A 434 -8.84 -4.60 6.96
CA TYR A 434 -9.26 -5.69 7.82
C TYR A 434 -10.73 -5.48 8.22
N TYR A 435 -11.62 -5.75 7.27
CA TYR A 435 -13.05 -5.58 7.50
C TYR A 435 -13.61 -6.81 8.24
N ASN A 436 -14.93 -6.87 8.33
CA ASN A 436 -15.67 -8.07 8.69
C ASN A 436 -16.45 -8.46 7.43
N PHE A 437 -15.80 -9.26 6.58
CA PHE A 437 -16.26 -9.42 5.20
C PHE A 437 -17.61 -10.14 5.10
N LEU A 438 -18.05 -10.80 6.16
CA LEU A 438 -19.37 -11.44 6.12
C LEU A 438 -20.50 -10.44 6.27
N CYS A 439 -20.29 -9.37 7.03
CA CYS A 439 -21.29 -8.35 7.31
C CYS A 439 -20.80 -6.98 6.83
N ALA A 440 -20.20 -6.96 5.64
CA ALA A 440 -19.73 -5.72 5.02
C ALA A 440 -20.66 -5.34 3.88
N HIS A 441 -21.09 -4.09 3.85
CA HIS A 441 -22.08 -3.63 2.89
C HIS A 441 -21.56 -2.36 2.21
N PRO A 442 -21.53 -2.32 0.87
CA PRO A 442 -21.01 -1.15 0.18
C PRO A 442 -22.08 -0.14 -0.21
N LEU A 443 -21.67 1.11 -0.39
CA LEU A 443 -22.55 2.15 -0.93
C LEU A 443 -21.67 3.23 -1.53
N GLY A 444 -21.67 3.32 -2.85
CA GLY A 444 -20.83 4.28 -3.54
C GLY A 444 -19.36 3.87 -3.56
N VAL A 445 -18.52 4.64 -2.87
CA VAL A 445 -17.10 4.33 -2.78
C VAL A 445 -16.74 3.58 -1.50
N LEU A 446 -17.55 3.70 -0.45
CA LEU A 446 -17.29 2.97 0.78
C LEU A 446 -17.56 1.49 0.59
N SER A 447 -16.62 0.65 1.03
CA SER A 447 -16.77 -0.80 0.92
C SER A 447 -17.34 -1.42 2.18
N ALA A 448 -17.69 -0.62 3.19
CA ALA A 448 -18.30 -1.13 4.41
C ALA A 448 -19.11 0.02 5.01
N PHE A 449 -20.43 -0.01 4.82
CA PHE A 449 -21.27 1.08 5.26
C PHE A 449 -21.86 0.86 6.66
N ASN A 450 -22.10 -0.39 7.04
CA ASN A 450 -22.65 -0.66 8.37
C ASN A 450 -21.71 -0.18 9.46
N ASN A 451 -20.41 -0.48 9.32
CA ASN A 451 -19.42 -0.03 10.28
C ASN A 451 -19.25 1.48 10.28
N ILE A 452 -19.78 2.17 9.28
CA ILE A 452 -19.72 3.63 9.23
C ILE A 452 -20.96 4.25 9.83
N LEU A 453 -22.14 3.79 9.40
CA LEU A 453 -23.39 4.32 9.92
C LEU A 453 -23.56 3.98 11.40
N SER A 454 -22.92 2.91 11.87
CA SER A 454 -23.07 2.51 13.27
C SER A 454 -22.52 3.54 14.23
N ASN A 455 -21.68 4.46 13.77
CA ASN A 455 -21.10 5.46 14.65
C ASN A 455 -21.92 6.74 14.76
N LEU A 456 -23.09 6.80 14.09
CA LEU A 456 -23.96 7.95 14.23
C LEU A 456 -24.47 8.09 15.66
N GLY A 457 -24.61 6.97 16.37
CA GLY A 457 -25.08 7.03 17.74
C GLY A 457 -24.16 7.80 18.65
N HIS A 458 -22.85 7.62 18.48
CA HIS A 458 -21.89 8.40 19.26
C HIS A 458 -22.12 9.89 19.07
N VAL A 459 -22.21 10.33 17.81
CA VAL A 459 -22.37 11.75 17.52
C VAL A 459 -23.68 12.27 18.11
N LEU A 460 -24.77 11.53 17.94
CA LEU A 460 -26.06 12.04 18.38
C LEU A 460 -26.16 12.06 19.90
N LEU A 461 -25.65 11.02 20.57
CA LEU A 461 -25.66 11.01 22.03
C LEU A 461 -24.79 12.12 22.60
N GLY A 462 -23.61 12.35 21.99
CA GLY A 462 -22.79 13.46 22.43
C GLY A 462 -23.47 14.80 22.23
N PHE A 463 -24.18 14.93 21.11
CA PHE A 463 -24.91 16.19 20.84
C PHE A 463 -25.96 16.40 21.93
N LEU A 464 -26.72 15.35 22.25
CA LEU A 464 -27.74 15.47 23.29
C LEU A 464 -27.12 15.82 24.63
N PHE A 465 -25.97 15.22 24.95
CA PHE A 465 -25.29 15.54 26.20
C PHE A 465 -24.85 17.00 26.24
N LEU A 466 -24.31 17.50 25.13
CA LEU A 466 -23.93 18.91 25.08
C LEU A 466 -25.14 19.82 25.23
N LEU A 467 -26.26 19.46 24.60
CA LEU A 467 -27.47 20.28 24.74
C LEU A 467 -27.98 20.29 26.18
N ILE A 468 -27.99 19.15 26.85
CA ILE A 468 -28.48 19.13 28.22
C ILE A 468 -27.52 19.86 29.16
N VAL A 469 -26.21 19.78 28.90
CA VAL A 469 -25.26 20.53 29.71
C VAL A 469 -25.45 22.03 29.49
N LEU A 470 -25.70 22.44 28.25
CA LEU A 470 -25.98 23.85 27.98
C LEU A 470 -27.24 24.31 28.69
N ARG A 471 -28.28 23.46 28.69
CA ARG A 471 -29.51 23.80 29.40
C ARG A 471 -29.26 23.95 30.89
N ARG A 472 -28.46 23.05 31.47
CA ARG A 472 -28.12 23.15 32.88
C ARG A 472 -27.36 24.44 33.16
N ASP A 473 -26.41 24.80 32.30
CA ASP A 473 -25.66 26.04 32.49
C ASP A 473 -26.57 27.26 32.41
N ILE A 474 -27.48 27.26 31.43
CA ILE A 474 -28.39 28.40 31.28
C ILE A 474 -29.28 28.54 32.50
N LEU A 475 -29.80 27.41 33.00
CA LEU A 475 -30.64 27.46 34.20
C LEU A 475 -29.84 27.93 35.42
N HIS A 476 -28.59 27.48 35.53
CA HIS A 476 -27.76 27.90 36.65
C HIS A 476 -27.47 29.40 36.60
N ARG A 477 -27.22 29.93 35.41
CA ARG A 477 -26.92 31.35 35.28
C ARG A 477 -28.11 32.21 35.71
N ARG A 478 -29.32 31.81 35.34
CA ARG A 478 -30.51 32.56 35.72
C ARG A 478 -30.77 32.46 37.22
N PRO A 493 -18.22 24.29 43.58
CA PRO A 493 -17.35 23.85 42.50
C PRO A 493 -18.11 23.14 41.38
N LYS A 494 -19.33 23.60 41.11
CA LYS A 494 -20.17 23.01 40.07
C LYS A 494 -19.77 23.62 38.73
N HIS A 495 -18.80 22.98 38.08
CA HIS A 495 -18.27 23.43 36.81
C HIS A 495 -18.58 22.39 35.73
N PHE A 496 -18.94 22.87 34.54
CA PHE A 496 -19.30 22.01 33.41
C PHE A 496 -18.22 21.99 32.33
N GLY A 497 -17.07 22.63 32.56
CA GLY A 497 -16.03 22.67 31.55
C GLY A 497 -15.49 21.29 31.22
N LEU A 498 -15.22 20.49 32.24
CA LEU A 498 -14.78 19.11 32.01
C LEU A 498 -15.86 18.29 31.32
N PHE A 499 -17.13 18.56 31.65
CA PHE A 499 -18.22 17.88 30.96
C PHE A 499 -18.22 18.21 29.47
N TYR A 500 -18.02 19.49 29.13
CA TYR A 500 -17.93 19.88 27.73
C TYR A 500 -16.73 19.22 27.06
N ALA A 501 -15.60 19.17 27.76
CA ALA A 501 -14.40 18.56 27.20
C ALA A 501 -14.63 17.08 26.90
N MET A 502 -15.26 16.36 27.82
CA MET A 502 -15.50 14.93 27.60
C MET A 502 -16.60 14.70 26.56
N GLY A 503 -17.56 15.61 26.43
CA GLY A 503 -18.51 15.50 25.34
C GLY A 503 -17.87 15.71 23.98
N ILE A 504 -17.00 16.70 23.87
CA ILE A 504 -16.24 16.91 22.63
C ILE A 504 -15.34 15.72 22.36
N ALA A 505 -14.79 15.12 23.42
CA ALA A 505 -14.02 13.90 23.26
C ALA A 505 -14.87 12.78 22.69
N LEU A 506 -16.09 12.63 23.18
CA LEU A 506 -17.01 11.63 22.64
C LEU A 506 -17.26 11.88 21.15
N MET A 507 -17.57 13.14 20.79
CA MET A 507 -17.82 13.47 19.39
C MET A 507 -16.63 13.11 18.52
N MET A 508 -15.44 13.59 18.90
CA MET A 508 -14.25 13.40 18.08
C MET A 508 -13.87 11.93 17.99
N GLU A 509 -13.96 11.20 19.10
CA GLU A 509 -13.62 9.79 19.07
C GLU A 509 -14.60 9.02 18.19
N GLY A 510 -15.88 9.36 18.24
CA GLY A 510 -16.84 8.69 17.36
C GLY A 510 -16.54 8.94 15.89
N VAL A 511 -16.31 10.19 15.54
CA VAL A 511 -16.05 10.53 14.13
C VAL A 511 -14.76 9.85 13.66
N LEU A 512 -13.73 9.90 14.48
CA LEU A 512 -12.45 9.31 14.12
C LEU A 512 -12.51 7.79 14.08
N SER A 513 -13.32 7.19 14.96
CA SER A 513 -13.49 5.72 14.91
C SER A 513 -14.21 5.35 13.61
N ALA A 514 -15.20 6.14 13.20
CA ALA A 514 -15.85 5.89 11.91
C ALA A 514 -14.84 5.99 10.76
N CYS A 515 -14.04 7.05 10.75
CA CYS A 515 -13.07 7.20 9.68
C CYS A 515 -12.05 6.06 9.67
N TYR A 516 -11.67 5.57 10.85
CA TYR A 516 -10.82 4.39 10.93
C TYR A 516 -11.54 3.17 10.36
N HIS A 517 -12.82 3.00 10.69
CA HIS A 517 -13.60 1.86 10.21
C HIS A 517 -13.88 1.93 8.72
N VAL A 518 -13.62 3.06 8.06
CA VAL A 518 -13.68 3.08 6.60
C VAL A 518 -12.74 2.04 6.02
N CYS A 519 -11.52 1.94 6.59
CA CYS A 519 -10.58 0.87 6.24
C CYS A 519 -9.69 0.62 7.45
N PRO A 520 -9.96 -0.44 8.21
CA PRO A 520 -9.15 -0.72 9.39
C PRO A 520 -7.81 -1.34 9.00
N ASN A 521 -6.76 -0.94 9.70
CA ASN A 521 -5.41 -1.41 9.42
C ASN A 521 -4.57 -1.27 10.68
N TYR A 522 -3.34 -1.78 10.62
CA TYR A 522 -2.39 -1.55 11.70
C TYR A 522 -2.03 -0.07 11.81
N SER A 523 -1.86 0.60 10.68
CA SER A 523 -1.35 1.97 10.69
C SER A 523 -2.32 2.92 11.37
N ASN A 524 -3.59 2.87 11.00
CA ASN A 524 -4.56 3.86 11.47
C ASN A 524 -5.14 3.55 12.85
N PHE A 525 -4.87 2.37 13.41
CA PHE A 525 -5.27 2.15 14.80
C PHE A 525 -4.46 3.02 15.75
N GLN A 526 -3.19 3.27 15.41
CA GLN A 526 -2.39 4.20 16.18
C GLN A 526 -3.01 5.59 16.18
N PHE A 527 -3.49 6.05 15.02
CA PHE A 527 -4.19 7.34 14.97
C PHE A 527 -5.52 7.27 15.69
N ASP A 528 -6.15 6.09 15.73
CA ASP A 528 -7.39 5.92 16.48
C ASP A 528 -7.15 6.16 17.97
N THR A 529 -6.08 5.59 18.51
CA THR A 529 -5.78 5.75 19.93
C THR A 529 -5.05 7.05 20.25
N SER A 530 -4.50 7.73 19.25
CA SER A 530 -3.69 8.92 19.51
C SER A 530 -4.54 10.07 20.03
N PHE A 531 -5.77 10.21 19.56
CA PHE A 531 -6.62 11.29 20.07
C PHE A 531 -6.96 11.06 21.54
N MET A 532 -7.26 9.81 21.91
CA MET A 532 -7.53 9.50 23.31
C MET A 532 -6.29 9.75 24.16
N TYR A 533 -5.11 9.38 23.65
CA TYR A 533 -3.88 9.68 24.37
C TYR A 533 -3.66 11.17 24.52
N MET A 534 -3.95 11.96 23.47
CA MET A 534 -3.84 13.40 23.55
C MET A 534 -4.75 13.97 24.63
N ILE A 535 -6.00 13.51 24.67
CA ILE A 535 -6.94 14.01 25.67
C ILE A 535 -6.49 13.63 27.07
N ALA A 536 -6.02 12.39 27.25
CA ALA A 536 -5.54 11.96 28.55
C ALA A 536 -4.35 12.80 29.01
N GLY A 537 -3.42 13.09 28.10
CA GLY A 537 -2.30 13.96 28.45
C GLY A 537 -2.73 15.38 28.76
N LEU A 538 -3.70 15.89 28.00
CA LEU A 538 -4.18 17.26 28.22
C LEU A 538 -4.85 17.41 29.57
N CYS A 539 -5.63 16.41 29.98
CA CYS A 539 -6.25 16.45 31.30
C CYS A 539 -5.21 16.43 32.41
N MET A 540 -4.01 15.93 32.14
CA MET A 540 -2.94 15.93 33.13
C MET A 540 -2.10 17.21 33.03
N PHE A 582 9.74 -7.16 29.23
CA PHE A 582 9.15 -5.83 29.13
C PHE A 582 7.77 -5.79 29.79
N TRP A 583 7.16 -6.96 29.95
CA TRP A 583 5.85 -7.03 30.56
C TRP A 583 5.90 -6.84 32.07
N VAL A 584 7.00 -7.26 32.70
CA VAL A 584 7.15 -7.06 34.15
C VAL A 584 7.18 -5.58 34.47
N ILE A 585 7.94 -4.81 33.70
CA ILE A 585 8.01 -3.37 33.90
C ILE A 585 6.64 -2.73 33.67
N PHE A 586 5.92 -3.18 32.64
CA PHE A 586 4.59 -2.66 32.37
C PHE A 586 3.64 -2.92 33.53
N SER A 587 3.66 -4.14 34.06
CA SER A 587 2.79 -4.47 35.19
C SER A 587 3.17 -3.66 36.44
N ALA A 588 4.46 -3.49 36.69
CA ALA A 588 4.89 -2.70 37.84
C ALA A 588 4.46 -1.25 37.70
N ILE A 589 4.58 -0.68 36.50
CA ILE A 589 4.18 0.70 36.28
C ILE A 589 2.67 0.84 36.42
N HIS A 590 1.91 -0.13 35.93
CA HIS A 590 0.46 -0.10 36.10
C HIS A 590 0.08 -0.17 37.57
N VAL A 591 0.77 -1.01 38.34
CA VAL A 591 0.52 -1.11 39.77
C VAL A 591 0.82 0.22 40.46
N LEU A 592 1.95 0.85 40.10
CA LEU A 592 2.30 2.14 40.69
C LEU A 592 1.26 3.20 40.37
N ALA A 593 0.81 3.24 39.11
CA ALA A 593 -0.22 4.21 38.73
C ALA A 593 -1.52 3.94 39.49
N SER A 594 -1.89 2.67 39.65
CA SER A 594 -3.13 2.34 40.35
C SER A 594 -3.06 2.76 41.81
N LEU A 595 -1.92 2.54 42.47
CA LEU A 595 -1.81 2.92 43.87
C LEU A 595 -1.67 4.42 44.05
N ALA A 596 -1.08 5.11 43.06
CA ALA A 596 -0.94 6.56 43.15
C ALA A 596 -2.24 7.29 42.85
N LEU A 597 -3.09 6.73 42.00
CA LEU A 597 -4.33 7.40 41.62
C LEU A 597 -5.24 7.60 42.84
N SER A 598 -5.35 6.59 43.69
CA SER A 598 -6.19 6.68 44.87
C SER A 598 -5.35 6.71 46.15
N MET A 635 -10.85 3.46 59.72
CA MET A 635 -11.31 2.14 60.14
C MET A 635 -11.72 1.29 58.94
N ASP A 636 -12.32 1.94 57.94
CA ASP A 636 -12.79 1.26 56.75
C ASP A 636 -12.16 1.77 55.46
N ARG A 637 -11.56 2.96 55.46
CA ARG A 637 -10.92 3.45 54.25
C ARG A 637 -9.74 2.58 53.84
N MET A 638 -8.97 2.10 54.81
CA MET A 638 -7.86 1.21 54.51
C MET A 638 -8.35 -0.10 53.91
N VAL A 639 -9.48 -0.64 54.39
CA VAL A 639 -9.98 -1.90 53.86
C VAL A 639 -10.35 -1.77 52.39
N LEU A 640 -11.09 -0.71 52.04
CA LEU A 640 -11.48 -0.51 50.65
C LEU A 640 -10.29 -0.17 49.76
N LEU A 641 -9.33 0.59 50.29
CA LEU A 641 -8.12 0.86 49.52
C LEU A 641 -7.36 -0.42 49.23
N VAL A 642 -7.25 -1.31 50.22
CA VAL A 642 -6.59 -2.60 50.02
C VAL A 642 -7.36 -3.44 49.02
N VAL A 643 -8.69 -3.39 49.07
CA VAL A 643 -9.52 -4.13 48.12
C VAL A 643 -9.24 -3.66 46.69
N GLY A 644 -9.24 -2.33 46.49
CA GLY A 644 -8.96 -1.81 45.17
C GLY A 644 -7.56 -2.14 44.68
N ASN A 645 -6.58 -2.04 45.59
CA ASN A 645 -5.21 -2.39 45.21
C ASN A 645 -5.09 -3.85 44.83
N LEU A 646 -5.78 -4.74 45.56
CA LEU A 646 -5.75 -6.15 45.23
C LEU A 646 -6.41 -6.43 43.89
N VAL A 647 -7.50 -5.73 43.59
CA VAL A 647 -8.17 -5.90 42.30
C VAL A 647 -7.23 -5.46 41.17
N ASN A 648 -6.60 -4.29 41.33
CA ASN A 648 -5.65 -3.84 40.31
C ASN A 648 -4.46 -4.76 40.21
N TRP A 649 -4.06 -5.40 41.31
CA TRP A 649 -2.99 -6.39 41.27
C TRP A 649 -3.43 -7.63 40.51
N SER A 650 -4.71 -8.00 40.62
CA SER A 650 -5.22 -9.14 39.87
C SER A 650 -5.18 -8.86 38.37
N PHE A 651 -5.61 -7.66 37.96
CA PHE A 651 -5.44 -7.29 36.55
C PHE A 651 -3.97 -7.21 36.16
N ALA A 652 -3.09 -6.78 37.07
CA ALA A 652 -1.67 -6.75 36.78
C ALA A 652 -1.14 -8.16 36.50
N LEU A 653 -1.54 -9.12 37.33
CA LEU A 653 -1.14 -10.51 37.11
C LEU A 653 -1.70 -11.04 35.80
N PHE A 654 -2.95 -10.69 35.49
CA PHE A 654 -3.56 -11.12 34.21
C PHE A 654 -2.70 -10.58 33.06
N GLY A 655 -2.37 -9.29 33.09
CA GLY A 655 -1.60 -8.70 32.02
C GLY A 655 -0.20 -9.28 31.92
N LEU A 656 0.40 -9.61 33.06
CA LEU A 656 1.77 -10.15 33.04
C LEU A 656 1.79 -11.59 32.54
N ILE A 657 0.75 -12.37 32.83
CA ILE A 657 0.73 -13.78 32.46
C ILE A 657 0.19 -13.94 31.04
N TYR A 658 -1.06 -13.52 30.82
CA TYR A 658 -1.68 -13.72 29.52
C TYR A 658 -0.98 -12.93 28.43
N ARG A 659 -0.56 -11.69 28.74
CA ARG A 659 0.12 -10.80 27.81
C ARG A 659 -0.69 -10.62 26.53
N PRO A 660 -1.83 -9.92 26.57
CA PRO A 660 -2.64 -9.74 25.36
C PRO A 660 -1.92 -8.89 24.32
N ARG A 661 -2.25 -9.15 23.05
CA ARG A 661 -1.65 -8.43 21.94
C ARG A 661 -2.29 -7.07 21.68
N ASP A 662 -3.39 -6.74 22.36
CA ASP A 662 -4.08 -5.48 22.19
C ASP A 662 -3.88 -4.62 23.44
N PHE A 663 -3.05 -3.59 23.31
CA PHE A 663 -2.79 -2.70 24.44
C PHE A 663 -3.96 -1.78 24.72
N ALA A 664 -4.61 -1.28 23.66
CA ALA A 664 -5.71 -0.35 23.83
C ALA A 664 -6.89 -0.99 24.55
N SER A 665 -7.19 -2.25 24.22
CA SER A 665 -8.27 -2.95 24.91
C SER A 665 -7.96 -3.10 26.39
N TYR A 666 -6.71 -3.41 26.71
CA TYR A 666 -6.33 -3.58 28.13
C TYR A 666 -6.45 -2.24 28.85
N MET A 667 -6.00 -1.15 28.22
CA MET A 667 -6.09 0.17 28.85
C MET A 667 -7.54 0.57 29.06
N LEU A 668 -8.40 0.33 28.06
CA LEU A 668 -9.81 0.68 28.20
C LEU A 668 -10.47 -0.15 29.28
N GLY A 669 -10.13 -1.45 29.38
CA GLY A 669 -10.68 -2.26 30.43
C GLY A 669 -10.28 -1.78 31.81
N ILE A 670 -9.00 -1.42 31.98
CA ILE A 670 -8.54 -0.91 33.27
C ILE A 670 -9.26 0.38 33.61
N PHE A 671 -9.38 1.29 32.63
CA PHE A 671 -10.05 2.56 32.88
C PHE A 671 -11.52 2.35 33.24
N ILE A 672 -12.20 1.46 32.53
CA ILE A 672 -13.61 1.19 32.79
C ILE A 672 -13.78 0.61 34.20
N CYS A 673 -12.92 -0.35 34.56
CA CYS A 673 -13.02 -0.95 35.88
C CYS A 673 -12.79 0.08 36.97
N ASN A 674 -11.78 0.93 36.81
CA ASN A 674 -11.49 1.94 37.83
C ASN A 674 -12.61 2.96 37.93
N LEU A 675 -13.16 3.39 36.80
CA LEU A 675 -14.26 4.36 36.82
C LEU A 675 -15.50 3.78 37.46
N LEU A 676 -15.83 2.51 37.15
CA LEU A 676 -16.99 1.90 37.79
C LEU A 676 -16.75 1.69 39.27
N LEU A 677 -15.52 1.39 39.68
CA LEU A 677 -15.20 1.29 41.10
C LEU A 677 -15.42 2.64 41.79
N TYR A 678 -14.95 3.73 41.17
CA TYR A 678 -15.15 5.06 41.74
C TYR A 678 -16.63 5.40 41.83
N LEU A 679 -17.41 5.04 40.81
CA LEU A 679 -18.84 5.33 40.82
C LEU A 679 -19.56 4.54 41.90
N ALA A 680 -19.22 3.26 42.05
CA ALA A 680 -19.80 2.46 43.12
C ALA A 680 -19.40 3.00 44.48
N PHE A 681 -18.16 3.48 44.61
CA PHE A 681 -17.73 4.15 45.84
C PHE A 681 -18.60 5.36 46.14
N TYR A 682 -18.83 6.21 45.14
CA TYR A 682 -19.68 7.37 45.34
C TYR A 682 -21.07 6.94 45.78
N ILE A 683 -21.59 5.88 45.18
CA ILE A 683 -22.92 5.39 45.53
C ILE A 683 -22.96 4.95 46.99
N ILE A 684 -21.98 4.16 47.43
CA ILE A 684 -22.05 3.60 48.77
C ILE A 684 -21.85 4.67 49.83
N MET A 685 -20.89 5.58 49.61
CA MET A 685 -20.71 6.65 50.59
C MET A 685 -21.82 7.69 50.55
N LYS A 686 -22.56 7.80 49.43
CA LYS A 686 -23.76 8.62 49.46
C LYS A 686 -24.89 7.94 50.22
N LEU A 687 -24.97 6.61 50.10
CA LEU A 687 -25.94 5.86 50.90
C LEU A 687 -25.64 5.98 52.38
N ARG A 688 -24.36 5.89 52.76
CA ARG A 688 -23.98 6.02 54.16
C ARG A 688 -24.10 7.44 54.69
N SER A 689 -24.28 8.43 53.82
CA SER A 689 -24.43 9.82 54.22
C SER A 689 -25.88 10.24 54.38
N SER A 690 -26.82 9.31 54.18
CA SER A 690 -28.25 9.59 54.30
C SER A 690 -28.68 10.75 53.41
N PRO A 697 -31.69 10.51 37.61
CA PRO A 697 -31.90 10.04 38.97
C PRO A 697 -31.26 8.67 39.24
N LEU A 698 -32.05 7.73 39.74
CA LEU A 698 -31.56 6.39 40.04
C LEU A 698 -31.68 5.45 38.85
N PHE A 699 -32.63 5.72 37.95
CA PHE A 699 -32.85 4.89 36.78
C PHE A 699 -31.61 4.86 35.89
N CYS A 700 -30.98 6.02 35.71
CA CYS A 700 -29.74 6.07 34.94
C CYS A 700 -28.64 5.24 35.60
N ILE A 701 -28.54 5.31 36.94
CA ILE A 701 -27.55 4.52 37.66
C ILE A 701 -27.79 3.03 37.42
N VAL A 702 -29.05 2.61 37.48
CA VAL A 702 -29.38 1.20 37.24
C VAL A 702 -29.03 0.81 35.81
N ALA A 703 -29.41 1.66 34.84
CA ALA A 703 -29.25 1.31 33.44
C ALA A 703 -27.79 1.29 33.01
N THR A 704 -26.93 2.08 33.67
CA THR A 704 -25.53 2.12 33.28
C THR A 704 -24.89 0.73 33.36
N ALA A 705 -25.19 -0.01 34.42
CA ALA A 705 -24.63 -1.35 34.58
C ALA A 705 -25.09 -2.29 33.46
N VAL A 706 -26.38 -2.24 33.12
CA VAL A 706 -26.91 -3.15 32.10
C VAL A 706 -26.29 -2.86 30.74
N MET A 707 -26.28 -1.59 30.34
CA MET A 707 -25.63 -1.24 29.07
C MET A 707 -24.14 -1.54 29.07
N TRP A 708 -23.45 -1.38 30.21
CA TRP A 708 -22.04 -1.73 30.23
C TRP A 708 -21.84 -3.25 30.11
N ALA A 709 -22.70 -4.04 30.74
CA ALA A 709 -22.62 -5.48 30.60
C ALA A 709 -22.82 -5.90 29.15
N ALA A 710 -23.83 -5.33 28.49
CA ALA A 710 -24.04 -5.62 27.08
C ALA A 710 -22.85 -5.18 26.24
N ALA A 711 -22.30 -4.01 26.55
CA ALA A 711 -21.15 -3.50 25.81
C ALA A 711 -19.96 -4.44 25.91
N LEU A 712 -19.68 -4.95 27.11
CA LEU A 712 -18.57 -5.89 27.27
C LEU A 712 -18.87 -7.20 26.56
N TYR A 713 -20.13 -7.64 26.63
CA TYR A 713 -20.52 -8.89 25.92
C TYR A 713 -20.17 -8.76 24.43
N PHE A 714 -20.61 -7.66 23.80
CA PHE A 714 -20.37 -7.50 22.38
C PHE A 714 -18.96 -7.02 22.05
N PHE A 715 -18.21 -6.52 23.04
CA PHE A 715 -16.83 -6.13 22.84
C PHE A 715 -15.90 -7.34 22.81
N PHE A 716 -16.22 -8.36 23.59
CA PHE A 716 -15.36 -9.54 23.64
C PHE A 716 -15.65 -10.53 22.51
N GLN A 717 -16.25 -10.07 21.40
CA GLN A 717 -16.56 -10.95 20.28
C GLN A 717 -15.48 -10.95 19.21
N ASN A 718 -14.60 -9.95 19.19
CA ASN A 718 -13.40 -9.85 18.36
C ASN A 718 -13.56 -10.47 16.97
N LEU A 719 -14.58 -10.03 16.24
CA LEU A 719 -14.84 -10.54 14.90
C LEU A 719 -13.72 -10.22 13.92
N SER A 720 -12.95 -9.16 14.15
CA SER A 720 -11.82 -8.81 13.30
C SER A 720 -10.61 -8.52 14.17
N SER A 721 -9.46 -9.04 13.75
CA SER A 721 -8.22 -8.94 14.52
C SER A 721 -7.07 -8.69 13.55
N TRP A 722 -6.60 -7.46 13.47
CA TRP A 722 -5.65 -7.03 12.46
C TRP A 722 -4.19 -7.30 12.83
N GLU A 723 -3.92 -7.79 14.04
CA GLU A 723 -2.52 -7.97 14.43
C GLU A 723 -1.88 -9.17 13.74
N GLY A 724 -2.69 -10.10 13.25
CA GLY A 724 -2.19 -11.23 12.48
C GLY A 724 -2.28 -10.98 10.98
N THR A 725 -2.04 -12.04 10.23
CA THR A 725 -2.19 -11.97 8.79
C THR A 725 -3.67 -11.79 8.44
N PRO A 726 -3.97 -11.16 7.30
CA PRO A 726 -5.38 -10.91 6.96
C PRO A 726 -6.23 -12.18 6.90
N ALA A 727 -5.64 -13.31 6.52
CA ALA A 727 -6.40 -14.56 6.52
C ALA A 727 -6.86 -14.92 7.92
N GLU A 728 -5.97 -14.79 8.93
CA GLU A 728 -6.37 -15.07 10.30
C GLU A 728 -7.40 -14.07 10.79
N SER A 729 -7.31 -12.81 10.34
CA SER A 729 -8.34 -11.85 10.67
C SER A 729 -9.68 -12.22 10.04
N ARG A 730 -9.64 -12.90 8.90
CA ARG A 730 -10.86 -13.38 8.25
C ARG A 730 -11.34 -14.71 8.81
N GLU A 731 -10.53 -15.38 9.63
CA GLU A 731 -10.99 -16.61 10.27
C GLU A 731 -12.13 -16.34 11.24
N LYS A 732 -12.19 -15.14 11.81
CA LYS A 732 -13.14 -14.81 12.87
C LYS A 732 -14.31 -13.98 12.37
N ASN A 733 -14.54 -13.92 11.06
CA ASN A 733 -15.68 -13.21 10.54
C ASN A 733 -16.98 -13.91 10.93
N ARG A 734 -18.00 -13.13 11.24
CA ARG A 734 -19.31 -13.65 11.61
C ARG A 734 -20.37 -12.93 10.79
N GLU A 735 -21.47 -13.64 10.52
CA GLU A 735 -22.50 -13.14 9.63
C GLU A 735 -23.27 -11.99 10.28
N CYS A 736 -24.06 -11.30 9.47
CA CYS A 736 -24.85 -10.18 9.93
C CYS A 736 -25.89 -10.66 10.94
N ILE A 737 -26.12 -9.86 11.98
CA ILE A 737 -26.96 -10.29 13.09
C ILE A 737 -28.14 -9.37 13.36
N LEU A 738 -28.07 -8.08 13.09
CA LEU A 738 -29.15 -7.15 13.42
C LEU A 738 -29.75 -6.60 12.12
N LEU A 739 -31.05 -6.83 11.93
CA LEU A 739 -31.79 -6.39 10.75
C LEU A 739 -31.15 -6.87 9.45
N ASP A 740 -30.34 -7.92 9.51
CA ASP A 740 -29.55 -8.41 8.39
C ASP A 740 -28.64 -7.32 7.81
N PHE A 741 -28.27 -6.34 8.64
CA PHE A 741 -27.41 -5.25 8.20
C PHE A 741 -26.29 -4.89 9.17
N PHE A 742 -26.35 -5.35 10.42
CA PHE A 742 -25.37 -4.99 11.42
C PHE A 742 -24.73 -6.26 11.99
N ASP A 743 -23.51 -6.12 12.49
CA ASP A 743 -22.80 -7.21 13.13
C ASP A 743 -22.48 -6.85 14.58
N ASP A 744 -21.68 -7.70 15.22
CA ASP A 744 -21.44 -7.56 16.65
C ASP A 744 -20.69 -6.28 17.00
N HIS A 745 -19.73 -5.89 16.16
CA HIS A 745 -18.93 -4.70 16.48
C HIS A 745 -19.76 -3.42 16.42
N ASP A 746 -20.73 -3.34 15.51
CA ASP A 746 -21.63 -2.20 15.50
C ASP A 746 -22.47 -2.17 16.77
N ILE A 747 -22.91 -3.33 17.24
CA ILE A 747 -23.63 -3.40 18.51
C ILE A 747 -22.74 -2.96 19.65
N TRP A 748 -21.45 -3.29 19.58
CA TRP A 748 -20.49 -2.77 20.55
C TRP A 748 -20.42 -1.25 20.49
N HIS A 749 -20.42 -0.68 19.28
CA HIS A 749 -20.42 0.77 19.14
C HIS A 749 -21.65 1.38 19.82
N PHE A 750 -22.83 0.81 19.55
CA PHE A 750 -24.08 1.35 20.11
C PHE A 750 -24.09 1.26 21.63
N LEU A 751 -23.73 0.08 22.17
CA LEU A 751 -23.75 -0.09 23.61
C LEU A 751 -22.66 0.74 24.30
N SER A 752 -21.50 0.91 23.68
CA SER A 752 -20.51 1.81 24.24
C SER A 752 -21.03 3.23 24.27
N ALA A 753 -21.72 3.65 23.21
CA ALA A 753 -22.30 4.99 23.18
C ALA A 753 -23.27 5.19 24.34
N THR A 754 -24.23 4.27 24.48
CA THR A 754 -25.25 4.47 25.52
C THR A 754 -24.66 4.31 26.93
N ALA A 755 -23.69 3.41 27.11
CA ALA A 755 -23.05 3.27 28.41
C ALA A 755 -22.27 4.52 28.77
N LEU A 756 -21.54 5.09 27.82
CA LEU A 756 -20.84 6.34 28.08
C LEU A 756 -21.82 7.46 28.40
N PHE A 757 -22.94 7.53 27.67
CA PHE A 757 -23.93 8.56 27.93
C PHE A 757 -24.49 8.43 29.35
N PHE A 758 -24.88 7.22 29.75
CA PHE A 758 -25.45 7.03 31.08
C PHE A 758 -24.43 7.30 32.17
N SER A 759 -23.19 6.81 32.00
CA SER A 759 -22.16 7.06 32.99
C SER A 759 -21.86 8.54 33.13
N PHE A 760 -21.79 9.25 32.00
CA PHE A 760 -21.55 10.69 32.05
C PHE A 760 -22.73 11.43 32.67
N LEU A 761 -23.96 10.94 32.45
CA LEU A 761 -25.11 11.54 33.11
C LEU A 761 -25.05 11.35 34.62
N VAL A 762 -24.55 10.19 35.06
CA VAL A 762 -24.30 10.00 36.50
C VAL A 762 -23.29 11.01 37.00
N LEU A 763 -22.22 11.23 36.24
CA LEU A 763 -21.22 12.24 36.58
C LEU A 763 -21.81 13.64 36.56
N ASP B 44 20.19 -22.99 -37.65
CA ASP B 44 21.28 -22.02 -37.70
C ASP B 44 20.80 -20.64 -37.27
N PHE B 45 21.52 -20.04 -36.31
CA PHE B 45 21.16 -18.72 -35.83
C PHE B 45 21.45 -17.67 -36.91
N ASP B 46 20.99 -16.44 -36.64
CA ASP B 46 21.17 -15.30 -37.53
C ASP B 46 20.58 -15.54 -38.92
N HIS B 47 19.48 -16.28 -38.98
CA HIS B 47 18.80 -16.55 -40.24
C HIS B 47 17.30 -16.42 -40.02
N VAL B 48 16.60 -15.89 -41.01
CA VAL B 48 15.16 -15.66 -40.93
C VAL B 48 14.48 -16.77 -41.73
N TYR B 49 13.84 -17.70 -41.02
CA TYR B 49 13.06 -18.74 -41.67
C TYR B 49 11.68 -18.21 -42.04
N SER B 50 11.16 -18.69 -43.17
CA SER B 50 9.82 -18.36 -43.64
C SER B 50 9.03 -19.64 -43.87
N GLY B 51 7.76 -19.63 -43.47
CA GLY B 51 6.93 -20.81 -43.62
C GLY B 51 5.46 -20.46 -43.57
N VAL B 52 4.65 -21.42 -43.99
CA VAL B 52 3.19 -21.30 -43.98
C VAL B 52 2.64 -22.41 -43.10
N VAL B 53 1.73 -22.04 -42.20
CA VAL B 53 1.14 -22.98 -41.26
C VAL B 53 -0.37 -22.98 -41.43
N ASN B 54 -0.96 -24.17 -41.30
CA ASN B 54 -2.41 -24.34 -41.41
C ASN B 54 -2.82 -25.49 -40.51
N LEU B 55 -4.03 -26.00 -40.72
CA LEU B 55 -4.58 -27.03 -39.84
C LEU B 55 -3.75 -28.30 -39.88
N SER B 56 -3.36 -28.75 -41.07
CA SER B 56 -2.77 -30.07 -41.23
C SER B 56 -1.25 -30.06 -41.08
N THR B 57 -0.60 -28.93 -41.34
CA THR B 57 0.85 -28.86 -41.38
C THR B 57 1.37 -28.02 -40.23
N GLU B 58 2.41 -28.53 -39.56
CA GLU B 58 3.15 -27.79 -38.54
C GLU B 58 4.63 -27.84 -38.89
N ASN B 59 5.36 -26.83 -38.43
CA ASN B 59 6.78 -26.71 -38.72
C ASN B 59 7.59 -26.87 -37.44
N ILE B 60 8.64 -27.68 -37.52
CA ILE B 60 9.49 -27.99 -36.39
C ILE B 60 10.93 -27.69 -36.78
N TYR B 61 11.60 -26.88 -35.94
CA TYR B 61 13.02 -26.52 -36.16
C TYR B 61 13.80 -26.75 -34.87
N SER B 62 14.75 -27.70 -34.86
CA SER B 62 15.55 -28.01 -33.68
C SER B 62 16.88 -27.29 -33.78
N PHE B 63 17.22 -26.54 -32.74
CA PHE B 63 18.47 -25.80 -32.67
C PHE B 63 19.39 -26.42 -31.64
N ASN B 64 20.66 -26.54 -31.97
CA ASN B 64 21.67 -27.05 -31.05
C ASN B 64 22.80 -26.02 -30.95
N TYR B 65 23.27 -25.80 -29.72
CA TYR B 65 24.37 -24.88 -29.46
C TYR B 65 24.98 -25.24 -28.12
N THR B 66 26.17 -24.69 -27.86
CA THR B 66 26.90 -24.96 -26.64
C THR B 66 27.27 -23.65 -25.96
N SER B 67 27.39 -23.70 -24.64
CA SER B 67 27.75 -22.55 -23.82
C SER B 67 28.88 -22.97 -22.88
N GLN B 68 30.08 -22.47 -23.13
CA GLN B 68 31.23 -22.84 -22.33
C GLN B 68 31.14 -22.22 -20.94
N PRO B 69 31.83 -22.81 -19.96
CA PRO B 69 31.76 -22.27 -18.59
C PRO B 69 32.27 -20.84 -18.51
N ASP B 70 31.72 -20.10 -17.53
CA ASP B 70 32.05 -18.71 -17.25
C ASP B 70 31.57 -17.77 -18.35
N GLN B 71 30.87 -18.31 -19.34
CA GLN B 71 30.23 -17.50 -20.38
C GLN B 71 28.77 -17.90 -20.48
N VAL B 72 27.89 -16.91 -20.41
CA VAL B 72 26.44 -17.12 -20.51
C VAL B 72 25.98 -16.77 -21.91
N THR B 73 25.13 -17.62 -22.48
CA THR B 73 24.65 -17.43 -23.84
C THR B 73 23.12 -17.53 -23.83
N ALA B 74 22.46 -16.39 -24.02
CA ALA B 74 21.01 -16.32 -24.04
C ALA B 74 20.51 -16.35 -25.47
N VAL B 75 19.54 -17.21 -25.74
CA VAL B 75 18.96 -17.35 -27.07
C VAL B 75 17.84 -16.33 -27.22
N ARG B 76 17.71 -15.77 -28.42
CA ARG B 76 16.67 -14.80 -28.72
C ARG B 76 15.83 -15.31 -29.88
N VAL B 77 14.51 -15.25 -29.71
CA VAL B 77 13.56 -15.73 -30.72
C VAL B 77 12.86 -14.52 -31.32
N TYR B 78 12.88 -14.43 -32.65
CA TYR B 78 12.33 -13.30 -33.39
C TYR B 78 11.25 -13.83 -34.33
N VAL B 79 9.98 -13.61 -34.00
CA VAL B 79 8.87 -14.12 -34.77
C VAL B 79 7.91 -12.97 -35.10
N ASN B 80 7.21 -13.11 -36.22
CA ASN B 80 6.12 -12.21 -36.56
C ASN B 80 5.14 -12.94 -37.45
N SER B 81 3.91 -12.45 -37.51
CA SER B 81 2.89 -13.00 -38.38
C SER B 81 2.16 -11.87 -39.09
N SER B 82 1.82 -12.09 -40.36
CA SER B 82 1.12 -11.11 -41.17
C SER B 82 -0.40 -11.28 -41.14
N SER B 83 -0.91 -12.25 -40.38
CA SER B 83 -2.34 -12.51 -40.34
C SER B 83 -3.04 -11.41 -39.54
N GLU B 84 -3.83 -10.58 -40.23
CA GLU B 84 -4.59 -9.55 -39.55
C GLU B 84 -5.75 -10.12 -38.75
N ASN B 85 -6.16 -11.36 -39.04
CA ASN B 85 -7.26 -11.99 -38.31
C ASN B 85 -6.85 -12.29 -36.87
N LEU B 86 -7.85 -12.26 -35.99
CA LEU B 86 -7.64 -12.62 -34.59
C LEU B 86 -8.34 -13.91 -34.19
N ASN B 87 -9.29 -14.40 -35.00
CA ASN B 87 -9.96 -15.65 -34.71
C ASN B 87 -9.05 -16.86 -34.89
N TYR B 88 -7.91 -16.69 -35.55
CA TYR B 88 -6.95 -17.78 -35.77
C TYR B 88 -5.54 -17.26 -35.63
N PRO B 89 -5.09 -16.98 -34.41
CA PRO B 89 -3.69 -16.59 -34.21
C PRO B 89 -2.78 -17.80 -34.33
N VAL B 90 -1.55 -17.54 -34.76
CA VAL B 90 -0.54 -18.59 -34.89
C VAL B 90 0.16 -18.76 -33.55
N LEU B 91 0.32 -20.02 -33.13
CA LEU B 91 0.86 -20.34 -31.82
C LEU B 91 2.26 -20.90 -31.97
N VAL B 92 3.21 -20.29 -31.26
CA VAL B 92 4.63 -20.62 -31.37
C VAL B 92 5.13 -21.05 -30.00
N VAL B 93 5.84 -22.18 -29.96
CA VAL B 93 6.38 -22.71 -28.72
C VAL B 93 7.88 -22.95 -28.89
N VAL B 94 8.61 -22.72 -27.80
CA VAL B 94 10.05 -23.00 -27.73
C VAL B 94 10.29 -23.90 -26.52
N ARG B 95 10.94 -25.03 -26.74
CA ARG B 95 11.13 -26.04 -25.71
C ARG B 95 12.60 -26.17 -25.36
N GLN B 96 12.90 -26.12 -24.07
CA GLN B 96 14.25 -26.26 -23.55
C GLN B 96 14.42 -27.62 -22.88
N GLN B 97 15.57 -27.81 -22.24
CA GLN B 97 15.79 -29.03 -21.48
C GLN B 97 14.87 -29.13 -20.28
N LYS B 98 14.48 -28.00 -19.71
CA LYS B 98 13.64 -27.99 -18.52
C LYS B 98 12.37 -27.14 -18.68
N GLU B 99 12.43 -26.07 -19.45
CA GLU B 99 11.34 -25.11 -19.53
C GLU B 99 10.73 -25.08 -20.93
N VAL B 100 9.42 -24.84 -20.99
CA VAL B 100 8.70 -24.63 -22.23
C VAL B 100 8.05 -23.25 -22.17
N LEU B 101 8.25 -22.46 -23.21
CA LEU B 101 7.66 -21.12 -23.32
C LEU B 101 6.87 -21.06 -24.63
N SER B 102 5.64 -20.57 -24.55
CA SER B 102 4.77 -20.48 -25.71
C SER B 102 4.05 -19.13 -25.71
N TRP B 103 3.67 -18.68 -26.90
CA TRP B 103 2.96 -17.42 -27.06
C TRP B 103 2.06 -17.52 -28.28
N GLN B 104 1.17 -16.53 -28.42
CA GLN B 104 0.23 -16.46 -29.52
C GLN B 104 0.50 -15.22 -30.35
N VAL B 105 0.49 -15.37 -31.67
CA VAL B 105 0.79 -14.27 -32.59
C VAL B 105 -0.35 -14.13 -33.58
N PRO B 106 -0.86 -12.92 -33.84
CA PRO B 106 -0.45 -11.62 -33.28
C PRO B 106 -0.84 -11.47 -31.82
N LEU B 107 0.06 -10.92 -31.00
CA LEU B 107 -0.20 -10.81 -29.58
C LEU B 107 -1.37 -9.85 -29.32
N LEU B 108 -2.12 -10.14 -28.26
CA LEU B 108 -3.30 -9.36 -27.91
C LEU B 108 -3.17 -8.82 -26.49
N PHE B 109 -3.53 -7.56 -26.32
CA PHE B 109 -3.56 -6.94 -25.01
C PHE B 109 -4.93 -6.32 -24.79
N GLN B 110 -5.46 -6.46 -23.57
CA GLN B 110 -6.80 -5.91 -23.24
C GLN B 110 -6.64 -4.80 -22.20
N GLY B 111 -6.39 -3.57 -22.65
CA GLY B 111 -6.25 -2.44 -21.76
C GLY B 111 -7.59 -2.00 -21.19
N LEU B 112 -7.53 -0.91 -20.44
CA LEU B 112 -8.73 -0.36 -19.82
C LEU B 112 -9.66 0.19 -20.90
N TYR B 113 -10.93 0.34 -20.53
CA TYR B 113 -11.97 0.84 -21.43
C TYR B 113 -12.12 -0.08 -22.65
N GLN B 114 -11.93 -1.38 -22.42
CA GLN B 114 -12.00 -2.45 -23.42
C GLN B 114 -11.58 -2.01 -24.83
N ARG B 115 -10.35 -1.50 -24.92
CA ARG B 115 -9.62 -1.41 -26.18
C ARG B 115 -8.68 -2.60 -26.29
N SER B 116 -8.68 -3.23 -27.46
CA SER B 116 -7.77 -4.32 -27.79
C SER B 116 -6.63 -3.79 -28.67
N TYR B 117 -5.59 -4.61 -28.82
CA TYR B 117 -4.43 -4.27 -29.63
C TYR B 117 -3.97 -5.48 -30.43
N ASN B 118 -3.37 -5.22 -31.59
CA ASN B 118 -2.84 -6.25 -32.48
C ASN B 118 -1.34 -6.03 -32.68
N TYR B 119 -0.53 -6.56 -31.77
CA TYR B 119 0.93 -6.54 -31.94
C TYR B 119 1.34 -7.74 -32.78
N GLN B 120 2.05 -7.48 -33.87
CA GLN B 120 2.43 -8.53 -34.81
C GLN B 120 3.86 -9.00 -34.63
N GLU B 121 4.77 -8.12 -34.24
CA GLU B 121 6.17 -8.47 -34.00
C GLU B 121 6.32 -8.87 -32.54
N VAL B 122 6.69 -10.13 -32.30
CA VAL B 122 6.87 -10.64 -30.95
C VAL B 122 8.25 -11.26 -30.84
N SER B 123 8.79 -11.23 -29.63
CA SER B 123 10.13 -11.72 -29.37
C SER B 123 10.29 -11.98 -27.88
N ARG B 124 11.15 -12.92 -27.54
CA ARG B 124 11.42 -13.24 -26.14
C ARG B 124 12.79 -13.88 -26.02
N THR B 125 13.30 -13.90 -24.80
CA THR B 125 14.60 -14.47 -24.48
C THR B 125 14.41 -15.70 -23.61
N LEU B 126 15.18 -16.75 -23.88
CA LEU B 126 15.00 -18.01 -23.17
C LEU B 126 15.81 -18.02 -21.88
N CYS B 127 15.57 -19.04 -21.06
CA CYS B 127 16.29 -19.17 -19.80
C CYS B 127 17.75 -19.50 -20.07
N PRO B 128 18.70 -18.68 -19.60
CA PRO B 128 20.12 -18.91 -19.90
C PRO B 128 20.70 -19.99 -19.00
N SER B 129 21.03 -21.13 -19.59
CA SER B 129 21.67 -22.20 -18.85
C SER B 129 23.05 -21.77 -18.40
N GLU B 130 23.37 -22.02 -17.13
CA GLU B 130 24.61 -21.56 -16.53
C GLU B 130 25.55 -22.74 -16.32
N ALA B 131 26.82 -22.54 -16.68
CA ALA B 131 27.86 -23.56 -16.56
C ALA B 131 28.91 -23.09 -15.57
N THR B 132 29.44 -24.03 -14.79
CA THR B 132 30.34 -23.75 -13.68
C THR B 132 31.72 -24.35 -13.95
N ASN B 133 32.59 -24.31 -12.94
CA ASN B 133 33.92 -24.88 -13.07
C ASN B 133 33.88 -26.39 -13.29
N GLU B 134 32.74 -27.03 -13.05
CA GLU B 134 32.51 -28.37 -13.56
C GLU B 134 32.38 -28.22 -15.08
N THR B 135 33.47 -28.49 -15.79
CA THR B 135 33.58 -28.09 -17.18
C THR B 135 32.77 -29.02 -18.09
N GLY B 136 32.79 -28.71 -19.38
CA GLY B 136 32.07 -29.50 -20.36
C GLY B 136 31.36 -28.63 -21.37
N PRO B 137 31.61 -28.89 -22.65
CA PRO B 137 30.89 -28.16 -23.70
C PRO B 137 29.45 -28.66 -23.81
N LEU B 138 28.57 -28.10 -22.99
CA LEU B 138 27.20 -28.60 -22.88
C LEU B 138 26.48 -28.48 -24.22
N GLN B 139 26.27 -29.61 -24.88
CA GLN B 139 25.64 -29.64 -26.20
C GLN B 139 24.12 -29.56 -26.03
N GLN B 140 23.67 -28.39 -25.59
CA GLN B 140 22.25 -28.15 -25.36
C GLN B 140 21.51 -28.01 -26.68
N LEU B 141 20.25 -28.43 -26.67
CA LEU B 141 19.38 -28.29 -27.83
C LEU B 141 18.06 -27.66 -27.40
N ILE B 142 17.49 -26.86 -28.29
CA ILE B 142 16.27 -26.12 -28.00
C ILE B 142 15.30 -26.32 -29.17
N PHE B 143 14.12 -26.85 -28.87
CA PHE B 143 13.13 -27.15 -29.89
C PHE B 143 12.20 -25.97 -30.09
N VAL B 144 12.00 -25.59 -31.35
CA VAL B 144 11.10 -24.51 -31.72
C VAL B 144 10.04 -25.09 -32.64
N ASP B 145 8.78 -25.08 -32.18
CA ASP B 145 7.66 -25.63 -32.93
C ASP B 145 6.59 -24.56 -33.09
N VAL B 146 5.97 -24.53 -34.27
CA VAL B 146 4.93 -23.56 -34.59
C VAL B 146 3.75 -24.30 -35.19
N ALA B 147 2.55 -23.94 -34.76
CA ALA B 147 1.33 -24.54 -35.30
C ALA B 147 0.18 -23.56 -35.08
N SER B 148 -0.91 -23.79 -35.81
CA SER B 148 -2.10 -22.96 -35.72
C SER B 148 -3.27 -23.73 -36.30
N MET B 149 -4.48 -23.17 -36.13
CA MET B 149 -5.70 -23.81 -36.58
C MET B 149 -6.44 -22.97 -37.62
N ALA B 150 -5.73 -22.11 -38.34
CA ALA B 150 -6.38 -21.26 -39.34
C ALA B 150 -6.91 -22.11 -40.48
N PRO B 151 -8.16 -21.89 -40.93
CA PRO B 151 -8.69 -22.70 -42.03
C PRO B 151 -7.90 -22.54 -43.33
N LEU B 152 -7.36 -21.36 -43.60
CA LEU B 152 -6.57 -21.12 -44.79
C LEU B 152 -5.07 -21.02 -44.52
N GLY B 153 -4.68 -20.38 -43.41
CA GLY B 153 -3.30 -20.28 -43.03
C GLY B 153 -2.99 -18.97 -42.36
N ALA B 154 -1.72 -18.83 -41.98
CA ALA B 154 -1.23 -17.59 -41.35
C ALA B 154 0.28 -17.54 -41.55
N GLN B 155 0.75 -16.55 -42.29
CA GLN B 155 2.17 -16.43 -42.58
C GLN B 155 2.95 -16.12 -41.31
N TYR B 156 4.22 -16.55 -41.28
CA TYR B 156 5.10 -16.25 -40.17
C TYR B 156 6.54 -16.34 -40.62
N LYS B 157 7.38 -15.47 -40.04
CA LYS B 157 8.82 -15.50 -40.26
C LYS B 157 9.51 -15.59 -38.91
N LEU B 158 10.45 -16.52 -38.79
CA LEU B 158 11.12 -16.81 -37.53
C LEU B 158 12.62 -16.62 -37.68
N LEU B 159 13.20 -15.86 -36.76
CA LEU B 159 14.64 -15.63 -36.71
C LEU B 159 15.14 -15.89 -35.31
N VAL B 160 16.31 -16.53 -35.21
CA VAL B 160 16.91 -16.89 -33.93
C VAL B 160 18.37 -16.43 -33.93
N THR B 161 18.83 -15.97 -32.76
CA THR B 161 20.19 -15.47 -32.64
C THR B 161 20.53 -15.33 -31.16
N LYS B 162 21.77 -15.70 -30.80
CA LYS B 162 22.24 -15.47 -29.45
C LYS B 162 22.53 -13.99 -29.24
N LEU B 163 22.34 -13.53 -28.00
CA LEU B 163 22.60 -12.13 -27.68
C LEU B 163 24.09 -11.94 -27.47
N LYS B 164 24.72 -11.13 -28.33
CA LYS B 164 26.15 -10.87 -28.20
C LYS B 164 26.45 -10.07 -26.93
N HIS B 165 25.57 -9.15 -26.56
CA HIS B 165 25.72 -8.33 -25.37
C HIS B 165 24.64 -8.76 -24.39
N PHE B 166 24.93 -9.79 -23.61
CA PHE B 166 23.99 -10.31 -22.62
C PHE B 166 24.43 -10.07 -21.19
N GLN B 167 25.73 -9.94 -20.93
CA GLN B 167 26.25 -9.68 -19.60
C GLN B 167 26.69 -8.23 -19.53
N LEU B 168 25.98 -7.43 -18.73
CA LEU B 168 26.30 -6.02 -18.61
C LEU B 168 27.63 -5.81 -17.90
N ARG B 169 28.39 -4.84 -18.37
CA ARG B 169 29.68 -4.50 -17.79
C ARG B 169 29.57 -3.23 -16.95
N THR B 170 30.38 -3.15 -15.91
CA THR B 170 30.31 -2.04 -14.97
C THR B 170 30.73 -0.74 -15.63
N ASN B 171 29.96 0.32 -15.38
CA ASN B 171 30.22 1.68 -15.84
C ASN B 171 30.25 1.80 -17.37
N VAL B 172 29.81 0.78 -18.09
CA VAL B 172 29.80 0.79 -19.55
C VAL B 172 28.35 0.96 -20.01
N ALA B 173 28.08 2.08 -20.67
CA ALA B 173 26.73 2.35 -21.14
C ALA B 173 26.39 1.46 -22.33
N PHE B 174 25.19 0.88 -22.29
CA PHE B 174 24.69 0.02 -23.36
C PHE B 174 23.40 0.60 -23.92
N HIS B 175 23.20 0.44 -25.22
CA HIS B 175 22.03 0.94 -25.92
C HIS B 175 21.25 -0.23 -26.51
N PHE B 176 19.93 -0.22 -26.29
CA PHE B 176 19.06 -1.27 -26.79
C PHE B 176 17.65 -0.71 -26.92
N THR B 177 16.86 -1.36 -27.78
CA THR B 177 15.49 -0.94 -28.06
C THR B 177 14.54 -2.03 -27.61
N ALA B 178 13.55 -1.65 -26.81
CA ALA B 178 12.54 -2.58 -26.30
C ALA B 178 11.16 -2.22 -26.81
N SER B 179 10.32 -3.22 -26.96
CA SER B 179 8.96 -3.08 -27.44
C SER B 179 8.01 -3.81 -26.51
N PRO B 180 6.74 -3.37 -26.43
CA PRO B 180 5.79 -4.07 -25.55
C PRO B 180 5.63 -5.54 -25.85
N SER B 181 5.73 -5.94 -27.11
CA SER B 181 5.72 -7.35 -27.47
C SER B 181 7.12 -7.94 -27.61
N GLN B 182 8.16 -7.15 -27.38
CA GLN B 182 9.55 -7.59 -27.48
C GLN B 182 10.29 -7.20 -26.21
N PRO B 183 10.03 -7.89 -25.10
CA PRO B 183 10.76 -7.58 -23.86
C PRO B 183 12.22 -8.04 -23.95
N GLN B 184 13.05 -7.38 -23.17
CA GLN B 184 14.48 -7.66 -23.13
C GLN B 184 14.93 -7.79 -21.68
N TYR B 185 15.91 -8.65 -21.45
CA TYR B 185 16.54 -8.71 -20.13
C TYR B 185 17.97 -9.20 -20.28
N PHE B 186 18.83 -8.76 -19.36
CA PHE B 186 20.25 -9.06 -19.39
C PHE B 186 20.71 -9.45 -18.00
N LEU B 187 21.88 -10.08 -17.94
CA LEU B 187 22.45 -10.59 -16.70
C LEU B 187 23.61 -9.71 -16.26
N TYR B 188 23.62 -9.34 -14.99
CA TYR B 188 24.75 -8.65 -14.37
C TYR B 188 25.37 -9.54 -13.30
N LYS B 189 26.70 -9.59 -13.27
CA LYS B 189 27.44 -10.36 -12.30
C LYS B 189 28.27 -9.42 -11.44
N PHE B 190 28.17 -9.57 -10.12
CA PHE B 190 28.87 -8.68 -9.21
C PHE B 190 30.38 -8.90 -9.29
N PRO B 191 31.17 -7.85 -9.09
CA PRO B 191 32.62 -8.01 -8.98
C PRO B 191 33.02 -8.40 -7.56
N LYS B 192 34.30 -8.76 -7.41
CA LYS B 192 34.79 -9.20 -6.11
C LYS B 192 34.85 -8.04 -5.12
N ASP B 193 35.43 -6.91 -5.54
CA ASP B 193 35.59 -5.78 -4.62
C ASP B 193 34.26 -5.08 -4.36
N VAL B 194 33.49 -4.85 -5.42
CA VAL B 194 32.25 -4.09 -5.28
C VAL B 194 31.22 -4.92 -4.52
N ASP B 195 30.47 -4.26 -3.62
CA ASP B 195 29.45 -4.92 -2.84
C ASP B 195 28.05 -4.35 -3.07
N SER B 196 27.92 -3.31 -3.88
CA SER B 196 26.61 -2.72 -4.18
C SER B 196 26.73 -1.92 -5.46
N VAL B 197 25.65 -1.91 -6.25
CA VAL B 197 25.63 -1.20 -7.52
C VAL B 197 24.33 -0.42 -7.64
N ILE B 198 24.35 0.59 -8.51
CA ILE B 198 23.17 1.35 -8.88
C ILE B 198 23.01 1.22 -10.40
N ILE B 199 21.84 0.77 -10.83
CA ILE B 199 21.54 0.61 -12.25
C ILE B 199 20.75 1.81 -12.73
N LYS B 200 21.28 2.50 -13.74
CA LYS B 200 20.71 3.75 -14.22
C LYS B 200 20.20 3.55 -15.64
N VAL B 201 18.93 3.86 -15.86
CA VAL B 201 18.29 3.73 -17.17
C VAL B 201 17.77 5.10 -17.59
N VAL B 202 18.05 5.48 -18.83
CA VAL B 202 17.63 6.76 -19.37
C VAL B 202 17.02 6.53 -20.75
N SER B 203 15.87 7.14 -21.00
CA SER B 203 15.22 7.11 -22.30
C SER B 203 14.97 8.54 -22.77
N GLU B 204 14.69 8.68 -24.06
CA GLU B 204 14.51 10.01 -24.64
C GLU B 204 13.04 10.42 -24.67
N MET B 205 12.20 9.64 -25.33
CA MET B 205 10.78 9.94 -25.43
C MET B 205 10.05 9.37 -24.22
N ALA B 206 9.24 10.20 -23.57
CA ALA B 206 8.60 9.80 -22.32
C ALA B 206 7.68 8.60 -22.51
N TYR B 207 6.91 8.60 -23.56
CA TYR B 207 6.06 7.45 -23.80
C TYR B 207 6.69 6.52 -24.82
N PRO B 208 6.39 5.20 -24.79
CA PRO B 208 5.44 4.49 -23.93
C PRO B 208 5.90 4.26 -22.49
N CYS B 209 4.99 3.80 -21.65
CA CYS B 209 5.33 3.41 -20.29
C CYS B 209 6.12 2.11 -20.28
N SER B 210 7.04 2.00 -19.32
CA SER B 210 7.92 0.84 -19.24
C SER B 210 8.19 0.50 -17.78
N VAL B 211 8.57 -0.76 -17.56
CA VAL B 211 8.87 -1.28 -16.23
C VAL B 211 10.25 -1.92 -16.27
N VAL B 212 11.08 -1.58 -15.30
CA VAL B 212 12.42 -2.15 -15.16
C VAL B 212 12.43 -3.00 -13.89
N SER B 213 12.79 -4.27 -14.03
CA SER B 213 12.73 -5.20 -12.91
C SER B 213 14.07 -5.90 -12.72
N VAL B 214 14.35 -6.23 -11.46
CA VAL B 214 15.57 -6.94 -11.09
C VAL B 214 15.19 -8.17 -10.27
N GLN B 215 15.63 -9.34 -10.71
CA GLN B 215 15.29 -10.60 -10.08
C GLN B 215 16.54 -11.45 -9.90
N ASN B 216 16.43 -12.42 -8.99
CA ASN B 216 17.55 -13.36 -8.79
C ASN B 216 17.55 -14.35 -9.95
N ILE B 217 18.62 -15.13 -10.08
CA ILE B 217 18.75 -16.11 -11.16
C ILE B 217 18.07 -17.38 -10.68
N MET B 218 16.78 -17.49 -10.99
CA MET B 218 16.06 -18.76 -10.86
C MET B 218 14.98 -18.73 -11.94
N CYS B 219 15.31 -19.27 -13.11
CA CYS B 219 14.39 -19.22 -14.22
C CYS B 219 13.26 -20.23 -14.01
N PRO B 220 12.05 -19.97 -14.54
CA PRO B 220 11.71 -18.99 -15.59
C PRO B 220 11.80 -17.53 -15.17
N VAL B 221 12.13 -16.67 -16.14
CA VAL B 221 12.32 -15.25 -15.89
C VAL B 221 11.01 -14.53 -16.17
N TYR B 222 10.60 -13.69 -15.23
CA TYR B 222 9.31 -13.00 -15.30
C TYR B 222 9.47 -11.74 -16.13
N ASP B 223 9.11 -11.85 -17.42
CA ASP B 223 9.24 -10.74 -18.37
C ASP B 223 7.93 -10.49 -19.11
N LEU B 224 6.81 -10.52 -18.39
CA LEU B 224 5.51 -10.21 -18.96
C LEU B 224 4.84 -9.13 -18.12
N ASP B 225 3.91 -8.40 -18.76
CA ASP B 225 3.29 -7.26 -18.11
C ASP B 225 2.50 -7.67 -16.87
N HIS B 226 1.83 -8.83 -16.94
CA HIS B 226 1.02 -9.32 -15.83
C HIS B 226 1.82 -10.10 -14.80
N ASN B 227 3.10 -10.37 -15.07
CA ASN B 227 3.82 -11.29 -14.14
C ASN B 227 5.12 -10.65 -13.63
N VAL B 228 5.66 -9.67 -14.36
CA VAL B 228 6.93 -9.08 -13.95
C VAL B 228 6.85 -8.48 -12.56
N GLU B 229 5.66 -8.09 -12.10
CA GLU B 229 5.52 -7.43 -10.81
C GLU B 229 5.51 -8.41 -9.65
N PHE B 230 5.49 -9.71 -9.90
CA PHE B 230 5.34 -10.69 -8.83
C PHE B 230 6.58 -10.76 -7.95
N ASN B 231 7.75 -10.87 -8.55
CA ASN B 231 8.97 -11.22 -7.84
C ASN B 231 10.03 -10.14 -8.02
N GLY B 232 10.88 -10.01 -6.99
CA GLY B 232 12.02 -9.13 -7.07
C GLY B 232 11.67 -7.66 -6.93
N VAL B 233 12.60 -6.83 -7.40
CA VAL B 233 12.49 -5.38 -7.31
C VAL B 233 12.18 -4.83 -8.69
N TYR B 234 11.29 -3.85 -8.73
CA TYR B 234 10.90 -3.25 -10.02
C TYR B 234 10.33 -1.87 -9.77
N GLN B 235 10.32 -1.06 -10.83
CA GLN B 235 9.71 0.27 -10.78
C GLN B 235 9.35 0.69 -12.20
N SER B 236 8.20 1.34 -12.31
CA SER B 236 7.77 1.90 -13.59
C SER B 236 8.52 3.20 -13.88
N MET B 237 8.58 3.56 -15.15
CA MET B 237 9.34 4.74 -15.54
C MET B 237 8.92 5.19 -16.93
N THR B 238 9.15 6.47 -17.21
CA THR B 238 9.00 7.06 -18.54
C THR B 238 10.33 7.48 -19.14
N LYS B 239 11.14 8.21 -18.37
CA LYS B 239 12.40 8.76 -18.86
C LYS B 239 13.60 8.31 -18.05
N LYS B 240 13.47 8.15 -16.74
CA LYS B 240 14.60 7.82 -15.89
C LYS B 240 14.17 6.78 -14.85
N ALA B 241 15.15 6.01 -14.40
CA ALA B 241 14.95 5.04 -13.32
C ALA B 241 16.29 4.72 -12.69
N ALA B 242 16.24 4.22 -11.46
CA ALA B 242 17.45 3.88 -10.72
C ALA B 242 17.08 2.93 -9.59
N ILE B 243 17.70 1.74 -9.56
CA ILE B 243 17.47 0.75 -8.52
C ILE B 243 18.79 0.53 -7.79
N THR B 244 18.75 0.65 -6.46
CA THR B 244 19.91 0.41 -5.62
C THR B 244 19.87 -1.01 -5.08
N LEU B 245 20.96 -1.75 -5.24
CA LEU B 245 21.02 -3.15 -4.84
C LEU B 245 22.23 -3.39 -3.96
N GLN B 246 22.12 -4.43 -3.12
CA GLN B 246 23.21 -4.88 -2.27
C GLN B 246 23.53 -6.33 -2.60
N LYS B 247 24.83 -6.67 -2.61
CA LYS B 247 25.24 -8.03 -2.91
C LYS B 247 24.82 -9.02 -1.83
N LYS B 248 24.58 -8.55 -0.61
CA LYS B 248 24.20 -9.45 0.48
C LYS B 248 22.84 -10.09 0.26
N ASP B 249 22.00 -9.52 -0.61
CA ASP B 249 20.66 -10.03 -0.83
C ASP B 249 20.58 -11.03 -1.98
N PHE B 250 21.68 -11.28 -2.67
CA PHE B 250 21.70 -12.23 -3.79
C PHE B 250 22.69 -13.34 -3.50
N PRO B 251 22.24 -14.54 -3.15
CA PRO B 251 23.19 -15.63 -2.83
C PRO B 251 24.08 -16.00 -4.00
N GLY B 252 23.60 -15.91 -5.23
CA GLY B 252 24.39 -16.27 -6.39
C GLY B 252 25.31 -15.18 -6.90
N GLU B 253 25.37 -14.04 -6.21
CA GLU B 253 26.18 -12.88 -6.60
C GLU B 253 26.00 -12.50 -8.06
N GLN B 254 24.82 -12.79 -8.63
CA GLN B 254 24.50 -12.36 -9.98
C GLN B 254 22.98 -12.31 -10.11
N PHE B 255 22.48 -11.26 -10.75
CA PHE B 255 21.05 -11.02 -10.84
C PHE B 255 20.67 -10.63 -12.26
N PHE B 256 19.41 -10.85 -12.59
CA PHE B 256 18.87 -10.48 -13.89
C PHE B 256 18.23 -9.09 -13.82
N VAL B 257 18.27 -8.38 -14.94
CA VAL B 257 17.63 -7.08 -15.07
C VAL B 257 16.67 -7.17 -16.25
N VAL B 258 15.37 -6.96 -15.97
CA VAL B 258 14.32 -7.23 -16.94
C VAL B 258 13.66 -5.91 -17.34
N PHE B 259 13.55 -5.69 -18.64
CA PHE B 259 12.88 -4.52 -19.21
C PHE B 259 11.62 -4.98 -19.93
N VAL B 260 10.47 -4.42 -19.52
CA VAL B 260 9.18 -4.75 -20.14
C VAL B 260 8.44 -3.46 -20.41
N ILE B 261 7.96 -3.30 -21.65
CA ILE B 261 7.23 -2.11 -22.05
C ILE B 261 5.74 -2.38 -21.93
N LYS B 262 5.02 -1.47 -21.29
CA LYS B 262 3.59 -1.61 -21.13
C LYS B 262 2.88 -1.44 -22.48
N PRO B 263 1.70 -2.03 -22.64
CA PRO B 263 0.93 -1.77 -23.87
C PRO B 263 0.31 -0.38 -23.89
N GLU B 264 -0.23 0.07 -22.76
CA GLU B 264 -0.86 1.38 -22.65
C GLU B 264 -0.03 2.27 -21.73
N ASP B 265 -0.49 3.50 -21.52
CA ASP B 265 0.30 4.48 -20.78
C ASP B 265 -0.46 5.12 -19.62
N TYR B 266 -1.55 4.52 -19.14
CA TYR B 266 -2.20 5.04 -17.94
C TYR B 266 -1.30 4.94 -16.71
N ALA B 267 -0.60 3.82 -16.54
CA ALA B 267 0.22 3.63 -15.35
C ALA B 267 1.34 4.66 -15.27
N CYS B 268 1.71 5.26 -16.40
CA CYS B 268 2.70 6.33 -16.43
C CYS B 268 2.07 7.70 -16.58
N GLY B 269 0.76 7.81 -16.39
CA GLY B 269 0.08 9.09 -16.48
C GLY B 269 -0.21 9.56 -17.89
N GLY B 270 -0.12 8.70 -18.88
CA GLY B 270 -0.34 9.08 -20.26
C GLY B 270 -1.81 9.20 -20.62
N SER B 271 -2.03 9.65 -21.84
CA SER B 271 -3.38 9.87 -22.36
C SER B 271 -3.82 8.65 -23.17
N PHE B 272 -4.96 8.76 -23.84
CA PHE B 272 -5.52 7.68 -24.63
C PHE B 272 -6.25 8.26 -25.83
N PHE B 273 -5.82 7.88 -27.03
CA PHE B 273 -6.47 8.32 -28.26
C PHE B 273 -7.79 7.57 -28.40
N ILE B 274 -8.90 8.28 -28.20
CA ILE B 274 -10.22 7.66 -28.30
C ILE B 274 -10.48 7.33 -29.77
N GLN B 275 -10.60 6.04 -30.08
CA GLN B 275 -10.82 5.57 -31.43
C GLN B 275 -12.06 4.68 -31.48
N GLU B 276 -12.87 4.86 -32.53
CA GLU B 276 -14.07 4.06 -32.69
C GLU B 276 -13.77 2.60 -33.02
N LYS B 277 -12.54 2.29 -33.44
CA LYS B 277 -12.15 0.93 -33.76
C LYS B 277 -11.66 0.24 -32.49
N GLU B 278 -12.28 -0.90 -32.16
CA GLU B 278 -11.85 -1.66 -30.99
C GLU B 278 -10.43 -2.19 -31.16
N ASN B 279 -10.11 -2.69 -32.36
CA ASN B 279 -8.78 -3.21 -32.66
C ASN B 279 -7.92 -2.05 -33.14
N GLN B 280 -7.09 -1.52 -32.24
CA GLN B 280 -6.23 -0.37 -32.55
C GLN B 280 -5.05 -0.86 -33.38
N THR B 281 -5.25 -0.89 -34.71
CA THR B 281 -4.17 -1.31 -35.61
C THR B 281 -3.05 -0.29 -35.68
N TRP B 282 -3.31 0.97 -35.32
CA TRP B 282 -2.26 1.97 -35.32
C TRP B 282 -1.19 1.68 -34.27
N ASN B 283 -1.59 1.12 -33.13
CA ASN B 283 -0.66 0.79 -32.05
C ASN B 283 -0.08 -0.60 -32.31
N LEU B 284 0.82 -0.66 -33.30
CA LEU B 284 1.41 -1.91 -33.73
C LEU B 284 2.93 -1.89 -33.82
N GLN B 285 3.56 -0.72 -33.70
CA GLN B 285 5.01 -0.60 -33.81
C GLN B 285 5.60 0.18 -32.65
N ARG B 286 5.00 0.05 -31.47
CA ARG B 286 5.49 0.77 -30.29
C ARG B 286 6.93 0.35 -29.99
N LYS B 287 7.79 1.34 -29.78
CA LYS B 287 9.20 1.12 -29.47
C LYS B 287 9.67 2.19 -28.51
N LYS B 288 10.78 1.92 -27.85
CA LYS B 288 11.35 2.86 -26.88
C LYS B 288 12.85 2.64 -26.82
N ASN B 289 13.61 3.54 -27.44
CA ASN B 289 15.06 3.46 -27.34
C ASN B 289 15.50 3.64 -25.90
N LEU B 290 16.40 2.78 -25.46
CA LEU B 290 16.77 2.72 -24.05
C LEU B 290 18.29 2.65 -23.91
N GLU B 291 18.77 3.17 -22.79
CA GLU B 291 20.18 3.11 -22.42
C GLU B 291 20.27 2.69 -20.96
N VAL B 292 21.13 1.72 -20.67
CA VAL B 292 21.27 1.17 -19.33
C VAL B 292 22.74 1.23 -18.94
N THR B 293 23.02 1.72 -17.73
CA THR B 293 24.38 1.83 -17.22
C THR B 293 24.38 1.45 -15.75
N ILE B 294 25.33 0.61 -15.35
CA ILE B 294 25.46 0.14 -13.97
C ILE B 294 26.70 0.79 -13.38
N VAL B 295 26.50 1.63 -12.37
CA VAL B 295 27.60 2.32 -11.71
C VAL B 295 27.88 1.64 -10.37
N PRO B 296 29.12 1.58 -9.93
CA PRO B 296 29.41 1.00 -8.61
C PRO B 296 29.00 1.96 -7.50
N SER B 297 28.24 1.44 -6.54
CA SER B 297 27.79 2.27 -5.43
C SER B 297 28.98 2.73 -4.60
N ILE B 298 28.82 3.90 -3.98
CA ILE B 298 29.91 4.51 -3.23
C ILE B 298 30.27 3.66 -2.03
N LYS B 299 31.54 3.70 -1.63
CA LYS B 299 32.03 2.95 -0.49
C LYS B 299 31.65 3.67 0.81
N GLU B 300 31.93 3.00 1.93
CA GLU B 300 31.60 3.58 3.23
C GLU B 300 32.50 4.75 3.59
N SER B 301 33.59 4.97 2.84
CA SER B 301 34.49 6.08 3.15
C SER B 301 33.76 7.41 3.02
N VAL B 302 33.04 7.61 1.91
CA VAL B 302 32.31 8.86 1.73
C VAL B 302 31.13 8.93 2.71
N TYR B 303 30.58 7.79 3.12
CA TYR B 303 29.50 7.79 4.09
C TYR B 303 29.93 8.50 5.37
N VAL B 304 31.12 8.18 5.87
CA VAL B 304 31.58 8.82 7.09
C VAL B 304 32.10 10.22 6.82
N LYS B 305 32.58 10.48 5.61
CA LYS B 305 33.06 11.83 5.29
C LYS B 305 31.92 12.82 5.20
N SER B 306 30.84 12.47 4.50
CA SER B 306 29.70 13.35 4.39
C SER B 306 29.02 13.55 5.74
N SER B 307 28.88 12.47 6.51
CA SER B 307 28.26 12.59 7.84
C SER B 307 29.11 13.46 8.75
N LEU B 308 30.44 13.28 8.71
CA LEU B 308 31.32 14.10 9.54
C LEU B 308 31.23 15.57 9.12
N PHE B 309 31.12 15.84 7.83
CA PHE B 309 31.01 17.22 7.36
C PHE B 309 29.74 17.86 7.90
N SER B 310 28.63 17.13 7.89
CA SER B 310 27.37 17.68 8.37
C SER B 310 27.45 18.00 9.86
N VAL B 311 27.94 17.04 10.65
CA VAL B 311 27.97 17.23 12.10
C VAL B 311 28.96 18.32 12.49
N PHE B 312 30.16 18.29 11.91
CA PHE B 312 31.24 19.16 12.36
C PHE B 312 30.98 20.63 12.06
N ILE B 313 30.43 20.96 10.89
CA ILE B 313 30.21 22.37 10.55
C ILE B 313 29.16 22.99 11.46
N PHE B 314 28.14 22.22 11.83
CA PHE B 314 27.21 22.72 12.84
C PHE B 314 27.81 22.66 14.24
N LEU B 315 28.72 21.72 14.48
CA LEU B 315 29.52 21.78 15.70
C LEU B 315 30.43 23.01 15.70
N SER B 316 30.93 23.40 14.51
CA SER B 316 31.67 24.65 14.40
C SER B 316 30.80 25.84 14.76
N PHE B 317 29.51 25.79 14.43
CA PHE B 317 28.59 26.83 14.86
C PHE B 317 28.51 26.87 16.38
N TYR B 318 28.54 25.70 17.03
CA TYR B 318 28.61 25.66 18.48
C TYR B 318 29.90 26.28 18.98
N LEU B 319 31.03 25.96 18.33
CA LEU B 319 32.31 26.55 18.71
C LEU B 319 32.32 28.06 18.45
N GLY B 320 31.76 28.49 17.31
CA GLY B 320 31.72 29.91 17.01
C GLY B 320 30.92 30.69 18.03
N CYS B 321 29.76 30.18 18.42
CA CYS B 321 28.96 30.84 19.44
C CYS B 321 29.67 30.84 20.78
N LEU B 322 30.31 29.73 21.14
CA LEU B 322 31.03 29.65 22.42
C LEU B 322 32.21 30.60 22.44
N LEU B 323 32.88 30.77 21.30
CA LEU B 323 33.99 31.72 21.23
C LEU B 323 33.51 33.15 21.49
N VAL B 324 32.35 33.51 20.94
CA VAL B 324 31.79 34.83 21.19
C VAL B 324 31.46 34.99 22.67
N GLY B 325 30.88 33.97 23.29
CA GLY B 325 30.53 34.04 24.70
C GLY B 325 31.75 34.26 25.59
N PHE B 326 32.84 33.54 25.32
CA PHE B 326 34.05 33.71 26.12
C PHE B 326 34.69 35.07 25.88
N VAL B 327 34.60 35.58 24.64
CA VAL B 327 35.10 36.94 24.37
C VAL B 327 34.29 37.96 25.16
N HIS B 328 32.97 37.80 25.18
CA HIS B 328 32.12 38.69 25.97
C HIS B 328 32.39 38.55 27.46
N TYR B 329 32.89 37.39 27.89
CA TYR B 329 33.23 37.20 29.30
C TYR B 329 34.35 38.14 29.73
N LEU B 330 35.35 38.33 28.89
CA LEU B 330 36.46 39.22 29.20
C LEU B 330 36.01 40.68 29.20
N TYR B 395 6.16 30.22 32.73
CA TYR B 395 5.76 30.07 31.34
C TYR B 395 5.79 28.61 30.92
N LYS B 396 5.83 27.71 31.91
CA LYS B 396 5.91 26.28 31.63
C LYS B 396 4.60 25.72 31.05
N ILE B 397 3.52 26.48 31.08
CA ILE B 397 2.26 26.01 30.50
C ILE B 397 2.41 25.79 29.01
N TYR B 398 3.04 26.75 28.33
CA TYR B 398 3.28 26.60 26.89
C TYR B 398 4.22 25.44 26.60
N PHE B 399 5.27 25.29 27.41
CA PHE B 399 6.22 24.20 27.20
C PHE B 399 5.56 22.85 27.42
N TRP B 400 4.83 22.70 28.53
CA TRP B 400 4.24 21.40 28.85
C TRP B 400 3.14 21.04 27.86
N ASN B 401 2.35 22.02 27.43
CA ASN B 401 1.30 21.74 26.46
C ASN B 401 1.89 21.37 25.10
N ILE B 402 2.92 22.11 24.65
CA ILE B 402 3.47 21.85 23.33
C ILE B 402 4.25 20.55 23.31
N ILE B 403 4.86 20.17 24.43
CA ILE B 403 5.63 18.92 24.46
C ILE B 403 4.68 17.71 24.39
N THR B 404 3.50 17.83 24.99
CA THR B 404 2.51 16.76 24.89
C THR B 404 1.94 16.69 23.47
N ILE B 405 1.63 17.85 22.88
CA ILE B 405 1.07 17.88 21.54
C ILE B 405 2.08 17.33 20.54
N ALA B 406 3.35 17.73 20.65
CA ALA B 406 4.35 17.31 19.68
C ALA B 406 4.61 15.81 19.78
N VAL B 407 4.79 15.29 21.00
CA VAL B 407 5.08 13.88 21.18
C VAL B 407 3.90 13.03 20.75
N PHE B 408 2.69 13.41 21.17
CA PHE B 408 1.50 12.61 20.86
C PHE B 408 1.21 12.60 19.37
N TYR B 409 1.43 13.73 18.69
CA TYR B 409 1.16 13.78 17.26
C TYR B 409 2.23 13.06 16.45
N ALA B 410 3.47 13.05 16.92
CA ALA B 410 4.56 12.46 16.14
C ALA B 410 4.40 10.95 16.01
N LEU B 411 4.12 10.26 17.11
CA LEU B 411 4.15 8.80 17.14
C LEU B 411 3.29 8.13 16.07
N PRO B 412 2.04 8.53 15.82
CA PRO B 412 1.26 7.83 14.79
C PRO B 412 1.89 7.88 13.41
N VAL B 413 2.49 9.03 13.03
CA VAL B 413 3.08 9.11 11.70
C VAL B 413 4.36 8.28 11.64
N ILE B 414 5.13 8.21 12.75
CA ILE B 414 6.31 7.35 12.76
C ILE B 414 5.91 5.90 12.58
N GLN B 415 4.86 5.47 13.30
CA GLN B 415 4.34 4.12 13.12
C GLN B 415 3.82 3.92 11.71
N LEU B 416 3.13 4.90 11.16
CA LEU B 416 2.64 4.80 9.79
C LEU B 416 3.80 4.75 8.79
N VAL B 417 4.80 5.62 8.96
CA VAL B 417 5.89 5.69 8.00
C VAL B 417 6.78 4.45 8.10
N ILE B 418 7.08 4.01 9.31
CA ILE B 418 7.91 2.81 9.45
C ILE B 418 7.18 1.59 8.91
N THR B 419 5.84 1.59 8.98
CA THR B 419 5.07 0.57 8.30
C THR B 419 5.22 0.68 6.79
N TYR B 420 5.18 1.91 6.27
CA TYR B 420 5.43 2.09 4.81
C TYR B 420 6.82 1.58 4.49
N GLN B 421 7.82 2.00 5.26
CA GLN B 421 9.19 1.58 4.95
C GLN B 421 9.31 0.07 4.93
N THR B 422 8.65 -0.61 5.87
CA THR B 422 8.77 -2.07 5.95
C THR B 422 8.13 -2.75 4.75
N VAL B 423 6.96 -2.27 4.31
CA VAL B 423 6.24 -2.96 3.24
C VAL B 423 6.97 -2.77 1.91
N VAL B 424 7.51 -1.58 1.66
CA VAL B 424 8.27 -1.37 0.42
C VAL B 424 9.56 -2.15 0.45
N ASN B 425 10.10 -2.42 1.65
CA ASN B 425 11.34 -3.18 1.75
C ASN B 425 11.14 -4.64 1.40
N VAL B 426 9.96 -5.19 1.68
CA VAL B 426 9.72 -6.62 1.49
C VAL B 426 8.96 -6.89 0.19
N THR B 427 8.06 -6.01 -0.21
CA THR B 427 7.26 -6.26 -1.40
C THR B 427 8.05 -6.02 -2.68
N GLY B 428 8.98 -5.06 -2.66
CA GLY B 428 9.71 -4.69 -3.85
C GLY B 428 9.03 -3.65 -4.71
N ASN B 429 7.85 -3.19 -4.33
CA ASN B 429 7.14 -2.16 -5.08
C ASN B 429 7.81 -0.81 -4.86
N GLN B 430 8.75 -0.44 -5.72
CA GLN B 430 9.54 0.77 -5.49
C GLN B 430 8.86 2.04 -5.97
N ASP B 431 7.67 1.95 -6.56
CA ASP B 431 6.91 3.13 -6.93
C ASP B 431 6.03 3.64 -5.79
N ILE B 432 6.10 3.01 -4.61
CA ILE B 432 5.34 3.48 -3.47
C ILE B 432 5.90 4.81 -2.95
N CYS B 433 7.22 4.90 -2.86
CA CYS B 433 7.88 6.06 -2.27
C CYS B 433 8.49 6.93 -3.36
N TYR B 434 8.32 8.25 -3.22
CA TYR B 434 8.75 9.22 -4.23
C TYR B 434 10.10 9.80 -3.83
N TYR B 435 11.14 8.98 -3.95
CA TYR B 435 12.50 9.40 -3.59
C TYR B 435 13.10 10.24 -4.71
N ASN B 436 14.39 10.52 -4.58
CA ASN B 436 15.24 11.03 -5.67
C ASN B 436 16.22 9.90 -5.95
N PHE B 437 15.83 8.98 -6.84
CA PHE B 437 16.48 7.69 -6.93
C PHE B 437 17.91 7.78 -7.47
N LEU B 438 18.29 8.90 -8.08
CA LEU B 438 19.67 9.04 -8.55
C LEU B 438 20.64 9.32 -7.42
N CYS B 439 20.21 10.03 -6.39
CA CYS B 439 21.04 10.42 -5.25
C CYS B 439 20.42 9.95 -3.95
N ALA B 440 20.00 8.69 -3.92
CA ALA B 440 19.45 8.06 -2.73
C ALA B 440 20.44 6.99 -2.25
N HIS B 441 20.69 6.97 -0.94
CA HIS B 441 21.71 6.11 -0.37
C HIS B 441 21.13 5.32 0.80
N PRO B 442 21.29 4.00 0.81
CA PRO B 442 20.70 3.20 1.91
C PRO B 442 21.66 2.95 3.05
N LEU B 443 21.11 2.67 4.24
CA LEU B 443 21.91 2.24 5.39
C LEU B 443 20.99 1.48 6.32
N GLY B 444 21.16 0.17 6.39
CA GLY B 444 20.31 -0.66 7.21
C GLY B 444 18.94 -0.89 6.61
N VAL B 445 17.91 -0.36 7.25
CA VAL B 445 16.54 -0.47 6.75
C VAL B 445 16.11 0.77 5.96
N LEU B 446 16.72 1.92 6.20
CA LEU B 446 16.37 3.12 5.46
C LEU B 446 16.88 3.01 4.02
N SER B 447 16.01 3.32 3.07
CA SER B 447 16.36 3.28 1.66
C SER B 447 16.84 4.62 1.12
N ALA B 448 16.92 5.65 1.97
CA ALA B 448 17.42 6.95 1.56
C ALA B 448 17.97 7.63 2.81
N PHE B 449 19.30 7.61 2.97
CA PHE B 449 19.92 8.17 4.16
C PHE B 449 20.33 9.63 4.00
N ASN B 450 20.68 10.04 2.78
CA ASN B 450 21.05 11.43 2.56
C ASN B 450 19.90 12.37 2.90
N ASN B 451 18.69 12.03 2.47
CA ASN B 451 17.51 12.84 2.77
C ASN B 451 17.14 12.80 4.25
N ILE B 452 17.74 11.91 5.03
CA ILE B 452 17.46 11.83 6.46
C ILE B 452 18.47 12.64 7.26
N LEU B 453 19.77 12.39 7.04
CA LEU B 453 20.81 13.10 7.77
C LEU B 453 20.80 14.58 7.45
N SER B 454 20.31 14.97 6.27
CA SER B 454 20.32 16.36 5.87
C SER B 454 19.43 17.23 6.77
N ASN B 455 18.51 16.63 7.51
CA ASN B 455 17.67 17.38 8.44
C ASN B 455 18.30 17.55 9.81
N LEU B 456 19.53 17.06 10.01
CA LEU B 456 20.21 17.27 11.28
C LEU B 456 20.44 18.75 11.56
N GLY B 457 20.66 19.55 10.52
CA GLY B 457 20.88 20.97 10.72
C GLY B 457 19.71 21.65 11.40
N HIS B 458 18.49 21.26 11.04
CA HIS B 458 17.31 21.83 11.70
C HIS B 458 17.32 21.53 13.20
N VAL B 459 17.66 20.30 13.57
CA VAL B 459 17.71 19.94 14.99
C VAL B 459 18.85 20.68 15.67
N LEU B 460 20.03 20.71 15.03
CA LEU B 460 21.21 21.27 15.68
C LEU B 460 21.13 22.79 15.77
N LEU B 461 20.73 23.46 14.69
CA LEU B 461 20.64 24.92 14.72
C LEU B 461 19.58 25.39 15.71
N GLY B 462 18.42 24.71 15.73
CA GLY B 462 17.38 25.09 16.68
C GLY B 462 17.82 24.94 18.12
N PHE B 463 18.62 23.90 18.39
CA PHE B 463 19.15 23.72 19.74
C PHE B 463 19.99 24.91 20.16
N LEU B 464 20.82 25.42 19.26
CA LEU B 464 21.61 26.61 19.55
C LEU B 464 20.72 27.83 19.80
N PHE B 465 19.61 27.91 19.06
CA PHE B 465 18.69 29.03 19.25
C PHE B 465 18.06 29.00 20.64
N LEU B 466 17.69 27.82 21.13
CA LEU B 466 17.11 27.72 22.46
C LEU B 466 18.13 28.07 23.54
N LEU B 467 19.38 27.64 23.36
CA LEU B 467 20.40 27.91 24.37
C LEU B 467 20.69 29.41 24.49
N ILE B 468 20.80 30.11 23.37
CA ILE B 468 21.11 31.53 23.43
C ILE B 468 19.95 32.31 24.03
N VAL B 469 18.71 31.91 23.74
CA VAL B 469 17.56 32.57 24.35
C VAL B 469 17.53 32.31 25.84
N LEU B 470 17.90 31.08 26.25
CA LEU B 470 18.05 30.80 27.68
C LEU B 470 19.14 31.68 28.29
N ARG B 471 20.25 31.86 27.59
CA ARG B 471 21.30 32.74 28.07
C ARG B 471 20.80 34.18 28.20
N ARG B 472 20.02 34.63 27.23
CA ARG B 472 19.42 35.96 27.31
C ARG B 472 18.46 36.05 28.50
N ASP B 473 17.66 35.01 28.71
CA ASP B 473 16.72 35.01 29.83
C ASP B 473 17.45 35.02 31.17
N ILE B 474 18.53 34.23 31.30
CA ILE B 474 19.26 34.17 32.56
C ILE B 474 19.91 35.52 32.86
N LEU B 475 20.53 36.13 31.86
CA LEU B 475 21.15 37.44 32.07
C LEU B 475 20.10 38.51 32.36
N HIS B 476 18.95 38.44 31.71
CA HIS B 476 17.89 39.40 31.96
C HIS B 476 17.38 39.31 33.40
N ARG B 477 17.24 38.09 33.92
CA ARG B 477 16.77 37.92 35.29
C ARG B 477 17.77 38.50 36.29
N ARG B 478 19.06 38.30 36.06
CA ARG B 478 20.09 38.81 36.94
C ARG B 478 20.16 40.34 36.88
N PRO B 493 8.10 45.08 27.01
CA PRO B 493 7.46 43.88 26.45
C PRO B 493 8.47 42.90 25.84
N LYS B 494 9.64 42.81 26.47
CA LYS B 494 10.71 41.91 26.00
C LYS B 494 10.41 40.52 26.53
N HIS B 495 9.64 39.75 25.77
CA HIS B 495 9.25 38.39 26.14
C HIS B 495 9.86 37.40 25.16
N PHE B 496 10.34 36.28 25.69
CA PHE B 496 10.95 35.23 24.89
C PHE B 496 10.03 34.02 24.71
N GLY B 497 8.80 34.10 25.21
CA GLY B 497 7.89 32.96 25.10
C GLY B 497 7.58 32.59 23.67
N LEU B 498 7.26 33.60 22.85
CA LEU B 498 7.02 33.34 21.43
C LEU B 498 8.27 32.85 20.73
N PHE B 499 9.45 33.32 21.16
CA PHE B 499 10.70 32.84 20.59
C PHE B 499 10.89 31.35 20.85
N TYR B 500 10.54 30.90 22.07
CA TYR B 500 10.61 29.47 22.36
C TYR B 500 9.60 28.69 21.52
N ALA B 501 8.42 29.25 21.29
CA ALA B 501 7.41 28.57 20.50
C ALA B 501 7.87 28.33 19.07
N MET B 502 8.44 29.37 18.44
CA MET B 502 8.97 29.19 17.09
C MET B 502 10.28 28.42 17.09
N GLY B 503 11.03 28.48 18.20
CA GLY B 503 12.21 27.64 18.32
C GLY B 503 11.87 26.17 18.37
N ILE B 504 10.86 25.81 19.17
CA ILE B 504 10.37 24.44 19.19
C ILE B 504 9.76 24.07 17.85
N ALA B 505 9.11 25.05 17.20
CA ALA B 505 8.52 24.81 15.89
C ALA B 505 9.56 24.36 14.87
N LEU B 506 10.76 24.95 14.93
CA LEU B 506 11.82 24.53 14.04
C LEU B 506 12.26 23.10 14.34
N MET B 507 12.38 22.77 15.63
CA MET B 507 12.80 21.43 16.02
C MET B 507 11.79 20.37 15.56
N MET B 508 10.52 20.57 15.90
CA MET B 508 9.52 19.54 15.66
C MET B 508 9.33 19.29 14.17
N GLU B 509 9.30 20.36 13.36
CA GLU B 509 9.16 20.19 11.93
C GLU B 509 10.38 19.48 11.34
N GLY B 510 11.58 19.84 11.82
CA GLY B 510 12.78 19.21 11.29
C GLY B 510 12.79 17.71 11.48
N VAL B 511 12.45 17.26 12.68
CA VAL B 511 12.33 15.82 12.94
C VAL B 511 11.19 15.24 12.11
N LEU B 512 10.06 15.94 12.07
CA LEU B 512 8.89 15.44 11.34
C LEU B 512 9.12 15.43 9.84
N SER B 513 9.79 16.46 9.31
CA SER B 513 10.08 16.49 7.87
C SER B 513 11.03 15.37 7.48
N ALA B 514 12.00 15.07 8.33
CA ALA B 514 12.90 13.95 8.07
C ALA B 514 12.14 12.64 7.99
N CYS B 515 11.25 12.39 8.95
CA CYS B 515 10.47 11.15 8.94
C CYS B 515 9.57 11.08 7.71
N TYR B 516 9.15 12.23 7.18
CA TYR B 516 8.44 12.24 5.90
C TYR B 516 9.35 11.74 4.79
N HIS B 517 10.62 12.14 4.81
CA HIS B 517 11.55 11.76 3.75
C HIS B 517 11.98 10.30 3.81
N VAL B 518 11.63 9.57 4.87
CA VAL B 518 11.88 8.13 4.89
C VAL B 518 11.14 7.46 3.74
N CYS B 519 9.92 7.90 3.48
CA CYS B 519 9.16 7.45 2.30
C CYS B 519 8.19 8.55 1.94
N PRO B 520 8.55 9.42 0.98
CA PRO B 520 7.65 10.52 0.62
C PRO B 520 6.48 10.01 -0.21
N ASN B 521 5.29 10.52 0.09
CA ASN B 521 4.07 10.07 -0.57
C ASN B 521 3.04 11.19 -0.49
N TYR B 522 1.92 10.98 -1.20
CA TYR B 522 0.81 11.92 -1.08
C TYR B 522 0.24 11.91 0.34
N SER B 523 0.13 10.73 0.95
CA SER B 523 -0.54 10.61 2.24
C SER B 523 0.21 11.36 3.33
N ASN B 524 1.52 11.15 3.43
CA ASN B 524 2.29 11.68 4.55
C ASN B 524 2.79 13.10 4.31
N PHE B 525 2.50 13.71 3.16
CA PHE B 525 2.78 15.13 3.00
C PHE B 525 1.77 15.96 3.79
N GLN B 526 0.53 15.49 3.89
CA GLN B 526 -0.46 16.19 4.69
C GLN B 526 -0.03 16.27 6.15
N PHE B 527 0.54 15.18 6.67
CA PHE B 527 1.06 15.21 8.04
C PHE B 527 2.31 16.07 8.15
N ASP B 528 3.00 16.32 7.03
CA ASP B 528 4.17 17.19 7.07
C ASP B 528 3.76 18.63 7.34
N THR B 529 2.71 19.11 6.67
CA THR B 529 2.26 20.49 6.83
C THR B 529 1.18 20.65 7.90
N SER B 530 0.66 19.55 8.44
CA SER B 530 -0.39 19.67 9.46
C SER B 530 0.17 20.29 10.74
N PHE B 531 1.39 19.93 11.12
CA PHE B 531 2.00 20.51 12.31
C PHE B 531 2.19 22.02 12.14
N MET B 532 2.56 22.45 10.93
CA MET B 532 2.63 23.88 10.66
C MET B 532 1.25 24.52 10.79
N TYR B 533 0.21 23.84 10.31
CA TYR B 533 -1.14 24.33 10.50
C TYR B 533 -1.55 24.29 11.96
N MET B 534 -1.06 23.31 12.72
CA MET B 534 -1.33 23.25 14.16
C MET B 534 -0.80 24.51 14.86
N ILE B 535 0.44 24.88 14.57
CA ILE B 535 1.05 26.02 15.26
C ILE B 535 0.43 27.32 14.81
N ALA B 536 0.12 27.45 13.51
CA ALA B 536 -0.48 28.67 13.00
C ALA B 536 -1.82 28.94 13.65
N GLY B 537 -2.65 27.92 13.81
CA GLY B 537 -3.91 28.09 14.51
C GLY B 537 -3.72 28.39 15.99
N LEU B 538 -2.70 27.79 16.61
CA LEU B 538 -2.46 28.01 18.03
C LEU B 538 -2.09 29.46 18.31
N CYS B 539 -1.27 30.06 17.45
CA CYS B 539 -0.92 31.47 17.62
C CYS B 539 -2.13 32.39 17.50
N MET B 540 -3.06 32.06 16.61
CA MET B 540 -4.27 32.86 16.45
C MET B 540 -5.26 32.55 17.57
N PHE B 582 -12.71 27.71 -8.23
CA PHE B 582 -12.28 27.64 -6.84
C PHE B 582 -11.07 28.53 -6.60
N TRP B 583 -10.32 28.81 -7.67
CA TRP B 583 -9.14 29.65 -7.54
C TRP B 583 -9.49 31.11 -7.39
N VAL B 584 -10.61 31.55 -7.98
CA VAL B 584 -11.04 32.95 -7.83
C VAL B 584 -11.33 33.26 -6.36
N ILE B 585 -12.03 32.35 -5.68
CA ILE B 585 -12.27 32.51 -4.25
C ILE B 585 -10.95 32.45 -3.49
N PHE B 586 -10.06 31.53 -3.87
CA PHE B 586 -8.78 31.39 -3.19
C PHE B 586 -7.93 32.65 -3.31
N SER B 587 -7.90 33.26 -4.50
CA SER B 587 -7.13 34.48 -4.68
C SER B 587 -7.79 35.65 -3.94
N ALA B 588 -9.11 35.73 -3.98
CA ALA B 588 -9.81 36.83 -3.30
C ALA B 588 -9.63 36.76 -1.79
N ILE B 589 -9.69 35.55 -1.22
CA ILE B 589 -9.47 35.40 0.21
C ILE B 589 -8.05 35.77 0.58
N HIS B 590 -7.08 35.35 -0.24
CA HIS B 590 -5.69 35.74 0.01
C HIS B 590 -5.51 37.24 -0.07
N VAL B 591 -6.27 37.91 -0.95
CA VAL B 591 -6.23 39.37 -1.00
C VAL B 591 -6.75 39.96 0.30
N LEU B 592 -7.85 39.42 0.82
CA LEU B 592 -8.41 39.93 2.07
C LEU B 592 -7.45 39.75 3.24
N ALA B 593 -6.78 38.60 3.29
CA ALA B 593 -5.82 38.35 4.38
C ALA B 593 -4.64 39.32 4.30
N SER B 594 -4.18 39.63 3.09
CA SER B 594 -3.02 40.52 2.93
C SER B 594 -3.32 41.91 3.47
N LEU B 595 -4.50 42.45 3.16
CA LEU B 595 -4.83 43.80 3.61
C LEU B 595 -5.19 43.83 5.09
N ALA B 596 -5.81 42.76 5.61
CA ALA B 596 -6.19 42.72 7.01
C ALA B 596 -5.00 42.51 7.94
N LEU B 597 -3.96 41.83 7.46
CA LEU B 597 -2.78 41.59 8.29
C LEU B 597 -2.09 42.90 8.65
N SER B 598 -1.98 43.83 7.70
CA SER B 598 -1.34 45.11 7.95
C SER B 598 -2.37 46.23 7.99
N MET B 635 1.55 60.64 5.36
CA MET B 635 2.11 61.12 4.11
C MET B 635 2.80 59.99 3.35
N ASP B 636 3.51 59.14 4.09
CA ASP B 636 4.23 58.02 3.51
C ASP B 636 3.74 56.65 3.99
N ARG B 637 2.99 56.59 5.08
CA ARG B 637 2.47 55.31 5.56
C ARG B 637 1.49 54.72 4.56
N MET B 638 0.68 55.56 3.92
CA MET B 638 -0.27 55.07 2.91
C MET B 638 0.45 54.57 1.67
N VAL B 639 1.57 55.21 1.29
CA VAL B 639 2.29 54.81 0.09
C VAL B 639 2.84 53.40 0.22
N LEU B 640 3.46 53.09 1.37
CA LEU B 640 4.00 51.75 1.58
C LEU B 640 2.89 50.71 1.72
N LEU B 641 1.76 51.08 2.34
CA LEU B 641 0.65 50.15 2.46
C LEU B 641 0.08 49.82 1.08
N VAL B 642 0.00 50.81 0.19
CA VAL B 642 -0.40 50.55 -1.18
C VAL B 642 0.63 49.67 -1.87
N VAL B 643 1.92 49.93 -1.61
CA VAL B 643 2.98 49.13 -2.20
C VAL B 643 2.85 47.66 -1.77
N GLY B 644 2.63 47.43 -0.47
CA GLY B 644 2.52 46.07 0.01
C GLY B 644 1.30 45.36 -0.54
N ASN B 645 0.16 46.05 -0.60
CA ASN B 645 -1.04 45.45 -1.17
C ASN B 645 -0.87 45.16 -2.65
N LEU B 646 -0.23 46.08 -3.39
CA LEU B 646 0.02 45.85 -4.81
C LEU B 646 0.97 44.67 -5.02
N VAL B 647 1.97 44.52 -4.15
CA VAL B 647 2.87 43.38 -4.25
C VAL B 647 2.10 42.08 -3.99
N ASN B 648 1.28 42.06 -2.95
CA ASN B 648 0.50 40.86 -2.64
C ASN B 648 -0.53 40.58 -3.73
N TRP B 649 -0.96 41.60 -4.46
CA TRP B 649 -1.89 41.37 -5.56
C TRP B 649 -1.20 40.71 -6.75
N SER B 650 0.11 40.93 -6.91
CA SER B 650 0.84 40.28 -7.98
C SER B 650 0.87 38.77 -7.80
N PHE B 651 1.10 38.31 -6.57
CA PHE B 651 1.00 36.88 -6.28
C PHE B 651 -0.43 36.39 -6.46
N ALA B 652 -1.41 37.23 -6.13
CA ALA B 652 -2.81 36.86 -6.33
C ALA B 652 -3.09 36.58 -7.81
N LEU B 653 -2.57 37.43 -8.70
CA LEU B 653 -2.68 37.15 -10.12
C LEU B 653 -1.88 35.90 -10.50
N PHE B 654 -0.72 35.71 -9.87
CA PHE B 654 0.10 34.53 -10.15
C PHE B 654 -0.66 33.26 -9.77
N GLY B 655 -1.25 33.23 -8.58
CA GLY B 655 -1.98 32.04 -8.15
C GLY B 655 -3.23 31.79 -8.97
N LEU B 656 -3.95 32.86 -9.33
CA LEU B 656 -5.19 32.69 -10.08
C LEU B 656 -4.94 32.23 -11.50
N ILE B 657 -3.84 32.67 -12.12
CA ILE B 657 -3.57 32.35 -13.51
C ILE B 657 -2.79 31.05 -13.62
N TYR B 658 -1.60 31.03 -13.01
CA TYR B 658 -0.74 29.85 -13.12
C TYR B 658 -1.36 28.63 -12.43
N ARG B 659 -1.98 28.84 -11.27
CA ARG B 659 -2.63 27.79 -10.49
C ARG B 659 -1.67 26.64 -10.22
N PRO B 660 -0.67 26.83 -9.36
CA PRO B 660 0.28 25.75 -9.09
C PRO B 660 -0.38 24.58 -8.37
N ARG B 661 0.19 23.39 -8.57
CA ARG B 661 -0.35 22.18 -7.97
C ARG B 661 0.14 21.95 -6.54
N ASP B 662 1.07 22.77 -6.05
CA ASP B 662 1.60 22.64 -4.70
C ASP B 662 1.06 23.79 -3.85
N PHE B 663 0.15 23.47 -2.93
CA PHE B 663 -0.43 24.51 -2.08
C PHE B 663 0.54 24.96 -1.00
N ALA B 664 1.30 24.03 -0.41
CA ALA B 664 2.21 24.38 0.67
C ALA B 664 3.32 25.31 0.18
N SER B 665 3.85 25.05 -1.01
CA SER B 665 4.90 25.92 -1.56
C SER B 665 4.37 27.33 -1.76
N TYR B 666 3.13 27.43 -2.24
CA TYR B 666 2.53 28.78 -2.45
C TYR B 666 2.36 29.47 -1.08
N MET B 667 1.91 28.72 -0.07
CA MET B 667 1.73 29.31 1.26
C MET B 667 3.05 29.79 1.83
N LEU B 668 4.11 29.00 1.69
CA LEU B 668 5.40 29.38 2.25
C LEU B 668 5.97 30.60 1.53
N GLY B 669 5.81 30.67 0.20
CA GLY B 669 6.30 31.82 -0.53
C GLY B 669 5.64 33.11 -0.10
N ILE B 670 4.33 33.09 0.12
CA ILE B 670 3.62 34.27 0.60
C ILE B 670 4.12 34.64 2.00
N PHE B 671 4.26 33.64 2.87
CA PHE B 671 4.75 33.91 4.22
C PHE B 671 6.17 34.45 4.21
N ILE B 672 7.03 33.88 3.36
CA ILE B 672 8.42 34.35 3.28
C ILE B 672 8.48 35.78 2.79
N CYS B 673 7.73 36.08 1.72
CA CYS B 673 7.76 37.43 1.15
C CYS B 673 7.22 38.47 2.12
N ASN B 674 6.14 38.12 2.83
CA ASN B 674 5.55 39.08 3.76
C ASN B 674 6.44 39.33 4.96
N LEU B 675 7.04 38.26 5.51
CA LEU B 675 7.89 38.42 6.69
C LEU B 675 9.13 39.25 6.38
N LEU B 676 9.76 39.01 5.23
CA LEU B 676 10.91 39.83 4.84
C LEU B 676 10.50 41.27 4.62
N LEU B 677 9.27 41.50 4.13
CA LEU B 677 8.78 42.86 3.99
C LEU B 677 8.67 43.54 5.35
N TYR B 678 8.13 42.83 6.34
CA TYR B 678 8.08 43.38 7.69
C TYR B 678 9.48 43.62 8.24
N LEU B 679 10.40 42.67 7.99
CA LEU B 679 11.78 42.86 8.43
C LEU B 679 12.43 44.02 7.69
N ALA B 680 12.19 44.14 6.39
CA ALA B 680 12.66 45.30 5.64
C ALA B 680 11.97 46.57 6.13
N PHE B 681 10.72 46.43 6.56
CA PHE B 681 9.99 47.60 7.13
C PHE B 681 10.70 48.03 8.41
N TYR B 682 11.12 47.06 9.23
CA TYR B 682 11.76 47.41 10.50
C TYR B 682 13.09 48.12 10.27
N ILE B 683 13.79 47.76 9.19
CA ILE B 683 15.11 48.34 8.93
C ILE B 683 14.99 49.81 8.56
N ILE B 684 14.07 50.13 7.64
CA ILE B 684 14.04 51.47 7.06
C ILE B 684 13.60 52.51 8.08
N MET B 685 12.56 52.22 8.86
CA MET B 685 12.16 53.13 9.92
C MET B 685 13.19 53.24 11.03
N LYS B 686 13.89 52.14 11.35
CA LYS B 686 14.96 52.22 12.33
C LYS B 686 16.08 53.14 11.83
N LEU B 687 16.38 53.07 10.54
CA LEU B 687 17.31 54.03 9.95
C LEU B 687 16.78 55.45 10.05
N ARG B 688 15.48 55.63 9.79
CA ARG B 688 14.86 56.94 9.88
C ARG B 688 14.67 57.42 11.31
N SER B 689 14.85 56.55 12.30
CA SER B 689 14.73 56.94 13.71
C SER B 689 16.08 57.27 14.34
N SER B 690 17.16 57.21 13.56
CA SER B 690 18.51 57.52 14.05
C SER B 690 18.88 56.65 15.25
N PRO B 697 24.23 41.39 15.37
CA PRO B 697 24.30 42.82 15.03
C PRO B 697 23.85 43.11 13.61
N LEU B 698 24.71 43.78 12.84
CA LEU B 698 24.40 44.11 11.45
C LEU B 698 24.76 42.97 10.50
N PHE B 699 25.75 42.17 10.85
CA PHE B 699 26.17 41.06 9.98
C PHE B 699 25.04 40.05 9.81
N CYS B 700 24.30 39.76 10.89
CA CYS B 700 23.19 38.84 10.79
C CYS B 700 22.10 39.36 9.87
N ILE B 701 21.94 40.68 9.79
CA ILE B 701 20.96 41.27 8.89
C ILE B 701 21.34 41.00 7.43
N VAL B 702 22.60 41.24 7.09
CA VAL B 702 23.07 41.04 5.71
C VAL B 702 23.05 39.55 5.37
N ALA B 703 23.53 38.71 6.29
CA ALA B 703 23.65 37.29 6.01
C ALA B 703 22.30 36.63 5.76
N THR B 704 21.22 37.16 6.33
CA THR B 704 19.91 36.56 6.13
C THR B 704 19.51 36.56 4.67
N ALA B 705 19.79 37.65 3.96
CA ALA B 705 19.44 37.72 2.54
C ALA B 705 20.23 36.71 1.72
N VAL B 706 21.52 36.55 2.02
CA VAL B 706 22.38 35.73 1.18
C VAL B 706 21.93 34.27 1.21
N MET B 707 21.75 33.71 2.42
CA MET B 707 21.26 32.35 2.53
C MET B 707 19.84 32.20 1.98
N TRP B 708 18.97 33.18 2.25
CA TRP B 708 17.64 33.11 1.66
C TRP B 708 17.69 33.16 0.14
N ALA B 709 18.58 33.98 -0.41
CA ALA B 709 18.79 33.98 -1.86
C ALA B 709 19.28 32.61 -2.32
N ALA B 710 20.21 32.02 -1.58
CA ALA B 710 20.66 30.66 -1.90
C ALA B 710 19.53 29.64 -1.70
N ALA B 711 18.72 29.83 -0.65
CA ALA B 711 17.69 28.84 -0.33
C ALA B 711 16.68 28.71 -1.46
N LEU B 712 16.21 29.84 -2.00
CA LEU B 712 15.18 29.78 -3.03
C LEU B 712 15.73 29.21 -4.34
N TYR B 713 17.06 29.31 -4.53
CA TYR B 713 17.67 28.71 -5.74
C TYR B 713 17.44 27.20 -5.72
N PHE B 714 17.72 26.55 -4.58
CA PHE B 714 17.57 25.12 -4.48
C PHE B 714 16.14 24.68 -4.18
N PHE B 715 15.28 25.61 -3.76
CA PHE B 715 13.88 25.26 -3.49
C PHE B 715 13.12 24.99 -4.78
N PHE B 716 13.43 25.72 -5.85
CA PHE B 716 12.74 25.58 -7.12
C PHE B 716 13.35 24.53 -8.03
N GLN B 717 14.14 23.60 -7.49
CA GLN B 717 14.76 22.57 -8.30
C GLN B 717 13.87 21.34 -8.48
N ASN B 718 12.85 21.19 -7.64
CA ASN B 718 11.78 20.20 -7.77
C ASN B 718 12.23 18.85 -8.32
N LEU B 719 13.30 18.29 -7.75
CA LEU B 719 13.82 17.01 -8.21
C LEU B 719 12.84 15.87 -8.01
N SER B 720 11.92 15.97 -7.06
CA SER B 720 10.88 14.98 -6.86
C SER B 720 9.53 15.67 -6.76
N SER B 721 8.54 15.14 -7.46
CA SER B 721 7.21 15.75 -7.54
C SER B 721 6.17 14.63 -7.49
N TRP B 722 5.55 14.46 -6.32
CA TRP B 722 4.69 13.31 -6.06
C TRP B 722 3.25 13.50 -6.53
N GLU B 723 2.88 14.68 -7.04
CA GLU B 723 1.49 14.89 -7.43
C GLU B 723 1.14 14.13 -8.70
N GLY B 724 2.13 13.82 -9.53
CA GLY B 724 1.93 13.01 -10.71
C GLY B 724 2.15 11.53 -10.44
N THR B 725 2.14 10.76 -11.51
CA THR B 725 2.44 9.34 -11.39
C THR B 725 3.90 9.15 -10.98
N PRO B 726 4.21 8.04 -10.30
CA PRO B 726 5.60 7.85 -9.84
C PRO B 726 6.63 7.88 -10.96
N ALA B 727 6.25 7.44 -12.16
CA ALA B 727 7.18 7.51 -13.29
C ALA B 727 7.54 8.94 -13.63
N GLU B 728 6.55 9.84 -13.65
CA GLU B 728 6.82 11.24 -13.96
C GLU B 728 7.65 11.89 -12.85
N SER B 729 7.43 11.49 -11.60
CA SER B 729 8.23 12.01 -10.51
C SER B 729 9.70 11.62 -10.66
N ARG B 730 9.98 10.59 -11.45
CA ARG B 730 11.34 10.15 -11.70
C ARG B 730 11.95 10.79 -12.93
N GLU B 731 11.18 11.61 -13.68
CA GLU B 731 11.75 12.33 -14.80
C GLU B 731 12.69 13.44 -14.34
N LYS B 732 12.46 13.97 -13.13
CA LYS B 732 13.16 15.13 -12.63
C LYS B 732 14.25 14.77 -11.63
N ASN B 733 14.61 13.49 -11.54
CA ASN B 733 15.71 13.09 -10.67
C ASN B 733 17.03 13.66 -11.18
N ARG B 734 17.89 14.07 -10.24
CA ARG B 734 19.20 14.61 -10.57
C ARG B 734 20.25 13.94 -9.71
N GLU B 735 21.46 13.85 -10.24
CA GLU B 735 22.52 13.10 -9.58
C GLU B 735 23.01 13.84 -8.34
N CYS B 736 23.80 13.13 -7.55
CA CYS B 736 24.37 13.68 -6.32
C CYS B 736 25.30 14.85 -6.67
N ILE B 737 25.28 15.89 -5.85
CA ILE B 737 26.04 17.10 -6.15
C ILE B 737 27.02 17.50 -5.06
N LEU B 738 26.78 17.21 -3.79
CA LEU B 738 27.66 17.62 -2.70
C LEU B 738 28.33 16.40 -2.10
N LEU B 739 29.66 16.39 -2.14
CA LEU B 739 30.49 15.30 -1.61
C LEU B 739 30.11 13.95 -2.20
N ASP B 740 29.47 13.94 -3.37
CA ASP B 740 28.93 12.73 -3.99
C ASP B 740 27.96 12.01 -3.06
N PHE B 741 27.33 12.73 -2.13
CA PHE B 741 26.40 12.13 -1.18
C PHE B 741 25.11 12.91 -1.00
N PHE B 742 25.06 14.18 -1.39
CA PHE B 742 23.88 15.01 -1.20
C PHE B 742 23.38 15.51 -2.55
N ASP B 743 22.09 15.81 -2.61
CA ASP B 743 21.47 16.38 -3.81
C ASP B 743 20.89 17.76 -3.48
N ASP B 744 20.18 18.34 -4.45
CA ASP B 744 19.74 19.72 -4.32
C ASP B 744 18.74 19.89 -3.18
N HIS B 745 17.81 18.95 -3.03
CA HIS B 745 16.78 19.12 -2.00
C HIS B 745 17.37 19.09 -0.59
N ASP B 746 18.41 18.29 -0.37
CA ASP B 746 19.11 18.33 0.91
C ASP B 746 19.77 19.68 1.11
N ILE B 747 20.29 20.27 0.05
CA ILE B 747 20.86 21.62 0.14
C ILE B 747 19.77 22.62 0.52
N TRP B 748 18.54 22.40 0.04
CA TRP B 748 17.42 23.21 0.48
C TRP B 748 17.19 23.05 1.97
N HIS B 749 17.38 21.83 2.50
CA HIS B 749 17.21 21.60 3.93
C HIS B 749 18.26 22.37 4.74
N PHE B 750 19.49 22.43 4.23
CA PHE B 750 20.55 23.10 4.97
C PHE B 750 20.33 24.62 5.02
N LEU B 751 20.16 25.24 3.84
CA LEU B 751 20.01 26.69 3.81
C LEU B 751 18.70 27.15 4.46
N SER B 752 17.65 26.33 4.41
CA SER B 752 16.41 26.71 5.07
C SER B 752 16.60 26.81 6.58
N ALA B 753 17.57 26.08 7.13
CA ALA B 753 17.86 26.16 8.55
C ALA B 753 18.56 27.48 8.88
N THR B 754 19.66 27.77 8.19
CA THR B 754 20.40 29.00 8.47
C THR B 754 19.61 30.24 8.06
N ALA B 755 18.79 30.14 7.02
CA ALA B 755 17.93 31.27 6.66
C ALA B 755 16.91 31.55 7.76
N LEU B 756 16.30 30.50 8.30
CA LEU B 756 15.38 30.68 9.42
C LEU B 756 16.12 31.14 10.67
N PHE B 757 17.31 30.58 10.93
CA PHE B 757 18.07 30.94 12.11
C PHE B 757 18.45 32.43 12.08
N PHE B 758 19.05 32.87 10.97
CA PHE B 758 19.47 34.26 10.88
C PHE B 758 18.28 35.20 10.92
N SER B 759 17.19 34.85 10.24
CA SER B 759 15.97 35.65 10.34
C SER B 759 15.42 35.64 11.76
N PHE B 760 15.43 34.49 12.41
CA PHE B 760 14.97 34.41 13.80
C PHE B 760 15.90 35.17 14.74
N LEU B 761 17.20 35.21 14.42
CA LEU B 761 18.13 35.97 15.26
C LEU B 761 17.83 37.47 15.20
N VAL B 762 17.45 37.96 14.02
CA VAL B 762 17.03 39.36 13.92
C VAL B 762 15.80 39.60 14.77
N LEU B 763 14.84 38.67 14.73
CA LEU B 763 13.63 38.76 15.55
C LEU B 763 13.98 38.71 17.03
C1 NAG C . -13.10 -33.30 -34.52
C2 NAG C . -13.75 -34.52 -35.17
C3 NAG C . -12.76 -35.22 -36.09
C4 NAG C . -12.17 -34.24 -37.09
C5 NAG C . -11.56 -33.05 -36.36
C6 NAG C . -11.08 -31.97 -37.29
C7 NAG C . -15.41 -36.12 -34.32
C8 NAG C . -15.80 -37.02 -33.20
N2 NAG C . -14.27 -35.44 -34.18
O3 NAG C . -13.41 -36.28 -36.78
O4 NAG C . -11.16 -34.87 -37.86
O5 NAG C . -12.55 -32.44 -35.52
O6 NAG C . -11.62 -30.70 -36.97
O7 NAG C . -16.11 -35.99 -35.34
C1 NAG D . -2.32 -40.21 -11.84
C2 NAG D . -2.38 -41.20 -10.67
C3 NAG D . -3.45 -42.26 -10.92
C4 NAG D . -4.78 -41.60 -11.25
C5 NAG D . -4.62 -40.61 -12.39
C6 NAG D . -5.88 -39.85 -12.70
C7 NAG D . -0.36 -41.61 -9.34
C8 NAG D . 0.96 -42.33 -9.27
N2 NAG D . -1.07 -41.81 -10.44
O3 NAG D . -3.56 -43.08 -9.77
O4 NAG D . -5.73 -42.59 -11.61
O5 NAG D . -3.61 -39.64 -12.06
O6 NAG D . -5.62 -38.46 -12.85
O7 NAG D . -0.74 -40.88 -8.43
C1 NAG E . -31.83 -16.40 -27.06
C2 NAG E . -32.03 -17.90 -26.80
C3 NAG E . -32.96 -18.11 -25.62
C4 NAG E . -32.45 -17.36 -24.39
C5 NAG E . -32.23 -15.88 -24.74
C6 NAG E . -31.60 -15.11 -23.61
C7 NAG E . -32.12 -19.76 -28.39
C8 NAG E . -32.77 -20.31 -29.63
N2 NAG E . -32.55 -18.56 -27.99
O3 NAG E . -33.06 -19.50 -25.33
O4 NAG E . -33.39 -17.46 -23.33
O5 NAG E . -31.35 -15.77 -25.86
O6 NAG E . -30.19 -15.04 -23.76
O7 NAG E . -31.26 -20.39 -27.78
C1 NAG F . 22.50 -31.26 -31.31
C2 NAG F . 23.40 -31.81 -32.42
C3 NAG F . 22.65 -32.85 -33.25
C4 NAG F . 22.10 -33.95 -32.34
C5 NAG F . 21.24 -33.33 -31.24
C6 NAG F . 20.76 -34.33 -30.22
C7 NAG F . 25.11 -30.69 -33.79
C8 NAG F . 25.44 -29.52 -34.65
N2 NAG F . 23.88 -30.73 -33.28
O3 NAG F . 23.53 -33.41 -34.21
O4 NAG F . 21.31 -34.86 -33.10
O5 NAG F . 22.01 -32.35 -30.51
O6 NAG F . 21.08 -33.94 -28.90
O7 NAG F . 25.93 -31.59 -33.56
C1 NAG G . 9.59 -10.27 -39.47
C2 NAG G . 9.62 -9.08 -40.43
C3 NAG G . 10.84 -9.17 -41.36
C4 NAG G . 12.11 -9.31 -40.53
C5 NAG G . 11.98 -10.50 -39.58
C6 NAG G . 13.17 -10.64 -38.65
C7 NAG G . 7.53 -7.99 -41.15
C8 NAG G . 6.32 -8.10 -42.03
N2 NAG G . 8.40 -9.02 -41.22
O3 NAG G . 10.90 -7.99 -42.15
O4 NAG G . 13.22 -9.52 -41.39
O5 NAG G . 10.82 -10.32 -38.74
O6 NAG G . 12.75 -10.83 -37.31
O7 NAG G . 7.73 -7.03 -40.42
C1 NAG H . 37.37 -21.79 -11.85
C2 NAG H . 37.76 -21.47 -13.29
C3 NAG H . 38.53 -20.16 -13.35
C4 NAG H . 37.75 -19.05 -12.67
C5 NAG H . 37.36 -19.46 -11.25
C6 NAG H . 36.48 -18.44 -10.57
C7 NAG H . 38.35 -22.98 -15.13
C8 NAG H . 39.23 -24.11 -15.57
N2 NAG H . 38.52 -22.56 -13.87
O3 NAG H . 38.79 -19.82 -14.70
O4 NAG H . 38.54 -17.86 -12.62
O5 NAG H . 36.63 -20.69 -11.27
O6 NAG H . 35.10 -18.79 -10.69
O7 NAG H . 37.51 -22.48 -15.87
#